data_6HMF
#
_entry.id   6HMF
#
_cell.length_a   85.750
_cell.length_b   91.240
_cell.length_c   143.990
_cell.angle_alpha   90.00
_cell.angle_beta   90.00
_cell.angle_gamma   90.00
#
_symmetry.space_group_name_H-M   'P 21 21 21'
#
loop_
_entity.id
_entity.type
_entity.pdbx_description
1 polymer 'DNA polymerase II small subunit'
2 non-polymer 'FE (III) ION'
3 non-polymer 'ZINC ION'
4 non-polymer 'ACETATE ION'
5 non-polymer 'CACODYLATE ION'
6 non-polymer 'CALCIUM ION'
7 water water
#
_entity_poly.entity_id   1
_entity_poly.type   'polypeptide(L)'
_entity_poly.pdbx_seq_one_letter_code
;GENGESVVVLDKYGYPILYAPEEIGEEKEYSKYEDVVIEWNPSVTPVQIEKNYEVKFDVRQVKLRPPKVKNGSGKEGEII
VEAYASLFKSRLSKLKRILRENPEISNVVDIGKLNYVSGDEEVTIIGLVNSKRETNRGLIFEVEDKTGIVKVFLPKDSED
YREAFKVLPDAVVAFKGFYSKKGIFFANKFYLPDVPLYRKQKPPLEEKVYAILISDIHVGSREFCEKAFLKFLEWLNGHV
ESKEEEEIVSRVKYLIIAGDVVDGIGIYPGQYSDLVIPDIFDQYEALANLLANVPEHITMFIGPGNADAARPAIPQPEFY
KEYAKPIYKLKNAIIISNPAVIRLHGRDFLIAHGRGIEDVVSFVPGLTHHKPGLPMVELLKMRHLAPTFGGKVPIAPDPE
DLLVIEEVPDLVQMGHVHVYDAVVYRGVQLVNSATWQAQTEFQKMVNIVPTPAKVPVVDVESARVVKVLDFSGWC
;
_entity_poly.pdbx_strand_id   A,B
#
loop_
_chem_comp.id
_chem_comp.type
_chem_comp.name
_chem_comp.formula
ACT non-polymer 'ACETATE ION' 'C2 H3 O2 -1'
CA non-polymer 'CALCIUM ION' 'Ca 2'
CAC non-polymer 'CACODYLATE ION' 'C2 H6 As O2 -1'
FE non-polymer 'FE (III) ION' 'Fe 3'
ZN non-polymer 'ZINC ION' 'Zn 2'
#
# COMPACT_ATOMS: atom_id res chain seq x y z
N VAL A 8 -26.37 -3.46 -22.98
CA VAL A 8 -27.49 -2.58 -23.32
C VAL A 8 -27.57 -1.42 -22.31
N VAL A 9 -27.28 -0.18 -22.75
CA VAL A 9 -27.28 1.04 -21.92
C VAL A 9 -28.69 1.67 -21.88
N LEU A 10 -29.05 2.25 -20.73
CA LEU A 10 -30.32 2.95 -20.47
C LEU A 10 -30.09 4.45 -20.28
N ASP A 11 -31.11 5.27 -20.63
CA ASP A 11 -31.03 6.73 -20.50
C ASP A 11 -32.20 7.35 -19.72
N LYS A 12 -31.89 8.29 -18.80
CA LYS A 12 -32.83 9.09 -18.02
C LYS A 12 -32.59 10.56 -18.43
N TYR A 13 -33.57 11.15 -19.17
CA TYR A 13 -33.54 12.50 -19.74
C TYR A 13 -32.35 12.72 -20.72
N GLY A 14 -31.90 11.63 -21.34
CA GLY A 14 -30.80 11.61 -22.30
C GLY A 14 -29.47 11.07 -21.83
N TYR A 15 -29.20 11.15 -20.50
CA TYR A 15 -27.93 10.74 -19.88
C TYR A 15 -27.83 9.23 -19.52
N PRO A 16 -26.68 8.54 -19.83
CA PRO A 16 -26.54 7.10 -19.47
C PRO A 16 -26.50 6.89 -17.96
N ILE A 17 -27.49 6.15 -17.43
CA ILE A 17 -27.64 5.94 -16.00
C ILE A 17 -27.36 4.50 -15.55
N LEU A 18 -27.71 3.50 -16.38
CA LEU A 18 -27.51 2.09 -16.05
C LEU A 18 -27.46 1.18 -17.28
N TYR A 19 -27.27 -0.13 -17.03
CA TYR A 19 -27.23 -1.17 -18.04
C TYR A 19 -28.41 -2.13 -17.84
N TYR A 30 -24.75 -6.80 -5.30
CA TYR A 30 -23.65 -5.94 -4.87
C TYR A 30 -24.00 -5.04 -3.67
N SER A 31 -22.96 -4.59 -2.95
CA SER A 31 -23.09 -3.70 -1.79
C SER A 31 -22.71 -2.24 -2.14
N LYS A 32 -23.26 -1.29 -1.38
CA LYS A 32 -22.98 0.14 -1.57
C LYS A 32 -22.22 0.71 -0.36
N TYR A 33 -21.49 -0.17 0.38
CA TYR A 33 -20.66 0.14 1.55
C TYR A 33 -21.43 0.83 2.69
N GLU A 34 -22.73 0.49 2.83
CA GLU A 34 -23.66 0.99 3.83
C GLU A 34 -23.18 0.64 5.24
N ASP A 35 -22.69 -0.61 5.39
CA ASP A 35 -22.16 -1.24 6.60
C ASP A 35 -20.82 -0.65 7.08
N VAL A 36 -20.03 -0.06 6.15
CA VAL A 36 -18.70 0.52 6.41
C VAL A 36 -18.75 1.70 7.39
N VAL A 37 -18.20 1.46 8.58
CA VAL A 37 -18.10 2.41 9.68
C VAL A 37 -16.66 2.35 10.22
N ILE A 38 -15.92 3.46 10.09
CA ILE A 38 -14.55 3.60 10.59
C ILE A 38 -14.54 4.78 11.55
N GLU A 39 -14.27 4.49 12.83
CA GLU A 39 -14.21 5.50 13.87
C GLU A 39 -12.76 5.96 14.08
N TRP A 40 -12.59 7.18 14.61
CA TRP A 40 -11.27 7.77 14.86
C TRP A 40 -10.56 7.05 16.04
N ASN A 41 -9.23 6.86 15.94
CA ASN A 41 -8.42 6.23 16.98
C ASN A 41 -8.24 7.20 18.19
N PRO A 42 -8.76 6.84 19.39
CA PRO A 42 -8.62 7.74 20.56
C PRO A 42 -7.19 7.98 21.03
N SER A 43 -6.28 7.00 20.79
CA SER A 43 -4.85 7.04 21.11
C SER A 43 -4.16 8.20 20.42
N VAL A 44 -4.63 8.56 19.20
CA VAL A 44 -4.11 9.66 18.41
C VAL A 44 -4.95 10.91 18.63
N THR A 45 -4.30 12.02 19.04
CA THR A 45 -4.97 13.31 19.24
C THR A 45 -4.58 14.24 18.09
N PRO A 46 -5.55 14.81 17.35
CA PRO A 46 -5.20 15.69 16.23
C PRO A 46 -4.65 17.03 16.72
N VAL A 47 -3.59 17.53 16.06
CA VAL A 47 -2.94 18.80 16.37
C VAL A 47 -3.94 19.90 16.01
N GLN A 48 -4.24 20.80 16.98
CA GLN A 48 -5.20 21.87 16.75
C GLN A 48 -4.58 23.00 15.94
N ILE A 49 -4.90 23.01 14.64
CA ILE A 49 -4.43 24.00 13.67
C ILE A 49 -5.64 24.74 13.07
N GLU A 50 -5.53 26.06 12.91
CA GLU A 50 -6.57 26.87 12.30
C GLU A 50 -6.64 26.59 10.80
N LYS A 51 -7.78 26.09 10.34
CA LYS A 51 -7.99 25.77 8.93
C LYS A 51 -8.05 27.06 8.10
N ASN A 52 -6.98 27.32 7.32
CA ASN A 52 -6.87 28.47 6.42
C ASN A 52 -6.95 27.94 4.98
N TYR A 53 -8.17 27.95 4.41
CA TYR A 53 -8.41 27.47 3.05
C TYR A 53 -9.39 28.38 2.31
N GLU A 54 -9.27 28.39 0.98
CA GLU A 54 -10.06 29.22 0.07
C GLU A 54 -10.02 28.60 -1.33
N VAL A 55 -11.16 28.58 -2.03
CA VAL A 55 -11.22 28.16 -3.42
C VAL A 55 -10.92 29.45 -4.21
N LYS A 56 -9.61 29.67 -4.50
CA LYS A 56 -9.08 30.84 -5.22
C LYS A 56 -9.69 30.95 -6.62
N PHE A 57 -9.92 29.80 -7.27
CA PHE A 57 -10.54 29.75 -8.58
C PHE A 57 -11.43 28.52 -8.73
N ASP A 58 -12.60 28.75 -9.33
CA ASP A 58 -13.62 27.78 -9.67
C ASP A 58 -14.30 28.29 -10.96
N VAL A 59 -14.64 27.38 -11.87
CA VAL A 59 -15.30 27.65 -13.16
C VAL A 59 -16.65 28.41 -12.95
N ARG A 60 -17.39 28.07 -11.89
CA ARG A 60 -18.69 28.66 -11.54
C ARG A 60 -18.63 30.13 -11.10
N GLN A 61 -17.43 30.65 -10.82
CA GLN A 61 -17.19 32.06 -10.41
C GLN A 61 -17.27 33.09 -11.55
N VAL A 62 -17.63 32.65 -12.77
CA VAL A 62 -17.75 33.48 -13.97
C VAL A 62 -19.23 33.82 -14.28
N VAL A 81 -22.14 32.66 -36.70
CA VAL A 81 -20.93 32.99 -35.92
C VAL A 81 -20.05 31.76 -35.70
N GLU A 82 -18.71 31.97 -35.51
CA GLU A 82 -17.78 30.89 -35.26
C GLU A 82 -17.82 30.53 -33.78
N ALA A 83 -18.10 29.24 -33.47
CA ALA A 83 -18.25 28.71 -32.12
C ALA A 83 -17.04 28.90 -31.21
N TYR A 84 -15.82 28.73 -31.76
CA TYR A 84 -14.58 28.83 -30.99
C TYR A 84 -13.85 30.16 -31.13
N ALA A 85 -14.37 31.10 -31.94
CA ALA A 85 -13.77 32.44 -32.13
C ALA A 85 -13.45 33.18 -30.82
N SER A 86 -14.42 33.20 -29.88
CA SER A 86 -14.30 33.85 -28.58
C SER A 86 -13.30 33.14 -27.69
N LEU A 87 -13.21 31.80 -27.80
CA LEU A 87 -12.29 30.98 -27.01
C LEU A 87 -10.84 31.27 -27.40
N PHE A 88 -10.53 31.28 -28.71
CA PHE A 88 -9.18 31.53 -29.21
C PHE A 88 -8.73 32.96 -28.97
N LYS A 89 -9.68 33.92 -29.03
CA LYS A 89 -9.44 35.35 -28.74
C LYS A 89 -9.01 35.46 -27.26
N SER A 90 -9.73 34.75 -26.35
CA SER A 90 -9.46 34.71 -24.91
C SER A 90 -8.11 34.04 -24.59
N ARG A 91 -7.82 32.89 -25.21
CA ARG A 91 -6.57 32.12 -25.05
C ARG A 91 -5.36 32.97 -25.45
N LEU A 92 -5.41 33.55 -26.67
CA LEU A 92 -4.35 34.40 -27.22
C LEU A 92 -4.12 35.62 -26.33
N SER A 93 -5.18 36.32 -25.93
CA SER A 93 -5.12 37.50 -25.06
C SER A 93 -4.47 37.19 -23.70
N LYS A 94 -4.86 36.07 -23.06
CA LYS A 94 -4.35 35.64 -21.75
C LYS A 94 -2.88 35.23 -21.78
N LEU A 95 -2.50 34.37 -22.75
CA LEU A 95 -1.14 33.86 -22.86
C LEU A 95 -0.15 34.90 -23.43
N LYS A 96 -0.64 35.84 -24.28
CA LYS A 96 0.15 36.96 -24.82
C LYS A 96 0.58 37.86 -23.65
N ARG A 97 -0.29 38.00 -22.61
CA ARG A 97 -0.04 38.77 -21.39
C ARG A 97 1.08 38.12 -20.58
N ILE A 98 1.09 36.78 -20.48
CA ILE A 98 2.09 36.00 -19.74
C ILE A 98 3.47 36.08 -20.44
N LEU A 99 3.48 36.02 -21.79
CA LEU A 99 4.68 36.14 -22.61
C LEU A 99 5.30 37.52 -22.47
N ARG A 100 4.46 38.58 -22.51
CA ARG A 100 4.87 39.98 -22.36
C ARG A 100 5.49 40.30 -20.99
N GLU A 101 5.32 39.39 -20.02
CA GLU A 101 5.90 39.50 -18.68
C GLU A 101 7.36 39.05 -18.64
N ASN A 102 7.83 38.39 -19.73
CA ASN A 102 9.22 37.98 -19.92
C ASN A 102 10.02 39.24 -20.37
N PRO A 103 11.04 39.66 -19.60
CA PRO A 103 11.78 40.88 -19.98
C PRO A 103 12.54 40.78 -21.30
N GLU A 104 12.85 39.53 -21.74
CA GLU A 104 13.57 39.25 -22.98
C GLU A 104 12.68 39.38 -24.23
N ILE A 105 11.35 39.44 -24.06
CA ILE A 105 10.40 39.62 -25.16
C ILE A 105 10.14 41.11 -25.38
N SER A 106 10.64 41.63 -26.51
CA SER A 106 10.53 43.03 -26.91
C SER A 106 10.34 43.15 -28.42
N ASN A 107 9.94 44.34 -28.87
CA ASN A 107 9.71 44.69 -30.27
C ASN A 107 8.68 43.77 -30.90
N VAL A 108 7.52 43.61 -30.22
CA VAL A 108 6.43 42.76 -30.70
C VAL A 108 5.67 43.50 -31.80
N VAL A 109 5.51 42.83 -32.96
CA VAL A 109 4.82 43.37 -34.13
C VAL A 109 3.70 42.45 -34.54
N ASP A 110 2.61 43.07 -35.09
CA ASP A 110 1.45 42.32 -35.57
C ASP A 110 1.83 41.50 -36.79
N ILE A 111 1.33 40.25 -36.85
CA ILE A 111 1.59 39.34 -37.98
C ILE A 111 1.07 39.95 -39.30
N GLY A 112 -0.05 40.68 -39.24
CA GLY A 112 -0.66 41.33 -40.39
C GLY A 112 0.13 42.49 -40.94
N LYS A 113 1.14 42.95 -40.17
CA LYS A 113 2.01 44.08 -40.54
C LYS A 113 3.43 43.64 -40.92
N LEU A 114 3.68 42.30 -40.99
CA LEU A 114 4.99 41.71 -41.23
C LEU A 114 5.67 42.06 -42.58
N ASN A 115 4.94 42.47 -43.63
CA ASN A 115 5.68 42.88 -44.83
C ASN A 115 5.61 44.39 -45.08
N TYR A 116 5.42 45.14 -44.00
CA TYR A 116 5.51 46.60 -44.02
C TYR A 116 6.80 46.85 -43.23
N VAL A 117 7.36 45.73 -42.71
CA VAL A 117 8.61 45.58 -41.98
C VAL A 117 9.66 45.21 -43.04
N SER A 118 10.85 45.83 -42.96
CA SER A 118 11.97 45.53 -43.85
C SER A 118 12.71 44.31 -43.28
N GLY A 119 13.33 43.51 -44.14
CA GLY A 119 14.06 42.30 -43.76
C GLY A 119 15.29 42.47 -42.88
N ASP A 120 15.59 43.72 -42.50
CA ASP A 120 16.75 44.13 -41.70
C ASP A 120 16.41 44.28 -40.21
N GLU A 121 15.10 44.29 -39.87
CA GLU A 121 14.65 44.50 -38.49
C GLU A 121 14.26 43.21 -37.78
N GLU A 122 14.96 42.92 -36.65
CA GLU A 122 14.65 41.78 -35.80
C GLU A 122 13.41 42.13 -34.99
N VAL A 123 12.34 41.33 -35.18
CA VAL A 123 11.05 41.54 -34.52
C VAL A 123 10.59 40.27 -33.80
N THR A 124 9.60 40.42 -32.91
CA THR A 124 8.98 39.32 -32.18
C THR A 124 7.51 39.28 -32.58
N ILE A 125 6.99 38.08 -32.77
CA ILE A 125 5.59 37.86 -33.07
C ILE A 125 5.03 36.90 -32.02
N ILE A 126 3.80 37.15 -31.55
CA ILE A 126 3.11 36.30 -30.58
C ILE A 126 1.86 35.79 -31.28
N GLY A 127 1.65 34.48 -31.24
CA GLY A 127 0.48 33.87 -31.85
C GLY A 127 0.27 32.42 -31.50
N LEU A 128 -0.87 31.90 -31.94
CA LEU A 128 -1.32 30.53 -31.78
C LEU A 128 -0.62 29.63 -32.80
N VAL A 129 -0.17 28.45 -32.37
CA VAL A 129 0.46 27.48 -33.29
C VAL A 129 -0.68 26.77 -34.02
N ASN A 130 -1.07 27.24 -35.22
CA ASN A 130 -2.14 26.61 -36.00
C ASN A 130 -1.71 25.23 -36.49
N SER A 131 -0.52 25.16 -37.12
CA SER A 131 0.06 23.91 -37.63
C SER A 131 1.56 23.86 -37.33
N LYS A 132 2.11 22.64 -37.28
CA LYS A 132 3.51 22.36 -36.99
C LYS A 132 3.95 21.14 -37.83
N ARG A 133 4.97 21.32 -38.69
CA ARG A 133 5.49 20.29 -39.59
C ARG A 133 7.02 20.25 -39.57
N GLU A 134 7.62 19.04 -39.49
CA GLU A 134 9.07 18.86 -39.49
C GLU A 134 9.62 18.44 -40.86
N THR A 135 10.67 19.14 -41.30
CA THR A 135 11.44 18.89 -42.50
C THR A 135 12.84 18.50 -42.00
N ASN A 136 13.70 17.94 -42.87
CA ASN A 136 15.09 17.61 -42.49
C ASN A 136 15.86 18.90 -42.20
N ARG A 137 15.40 20.05 -42.76
CA ARG A 137 16.04 21.35 -42.59
C ARG A 137 15.51 22.17 -41.38
N GLY A 138 14.54 21.65 -40.61
CA GLY A 138 14.03 22.34 -39.42
C GLY A 138 12.56 22.15 -39.12
N LEU A 139 11.90 23.18 -38.54
CA LEU A 139 10.47 23.17 -38.19
C LEU A 139 9.67 24.28 -38.88
N ILE A 140 8.52 23.92 -39.48
CA ILE A 140 7.60 24.84 -40.15
C ILE A 140 6.32 25.00 -39.34
N PHE A 141 6.08 26.22 -38.85
CA PHE A 141 4.91 26.56 -38.05
C PHE A 141 4.01 27.51 -38.81
N GLU A 142 2.70 27.37 -38.63
CA GLU A 142 1.73 28.32 -39.16
C GLU A 142 1.25 29.05 -37.90
N VAL A 143 1.74 30.27 -37.69
CA VAL A 143 1.44 31.08 -36.49
C VAL A 143 0.39 32.12 -36.80
N GLU A 144 -0.65 32.21 -35.95
CA GLU A 144 -1.74 33.17 -36.14
C GLU A 144 -1.98 34.07 -34.93
N ASP A 145 -2.14 35.38 -35.18
CA ASP A 145 -2.53 36.36 -34.18
C ASP A 145 -3.85 37.00 -34.61
N LYS A 146 -4.28 38.06 -33.91
CA LYS A 146 -5.52 38.78 -34.20
C LYS A 146 -5.53 39.53 -35.55
N THR A 147 -4.35 39.82 -36.11
CA THR A 147 -4.18 40.59 -37.35
C THR A 147 -3.84 39.77 -38.61
N GLY A 148 -3.41 38.52 -38.43
CA GLY A 148 -3.05 37.68 -39.57
C GLY A 148 -2.43 36.36 -39.26
N ILE A 149 -1.95 35.66 -40.32
CA ILE A 149 -1.32 34.34 -40.30
C ILE A 149 0.02 34.41 -41.05
N VAL A 150 1.06 33.69 -40.57
CA VAL A 150 2.39 33.66 -41.19
C VAL A 150 3.08 32.29 -41.03
N LYS A 151 3.91 31.91 -42.03
CA LYS A 151 4.72 30.69 -42.05
C LYS A 151 6.03 31.02 -41.34
N VAL A 152 6.35 30.29 -40.26
CA VAL A 152 7.55 30.50 -39.46
C VAL A 152 8.49 29.31 -39.62
N PHE A 153 9.76 29.59 -39.92
CA PHE A 153 10.79 28.57 -40.03
C PHE A 153 11.81 28.73 -38.90
N LEU A 154 12.10 27.63 -38.18
CA LEU A 154 13.11 27.55 -37.13
C LEU A 154 14.18 26.55 -37.58
N PRO A 155 15.46 26.97 -37.74
CA PRO A 155 16.51 26.06 -38.22
C PRO A 155 16.76 24.85 -37.33
N LYS A 156 17.14 23.68 -37.94
CA LYS A 156 17.42 22.37 -37.29
C LYS A 156 17.98 22.50 -35.90
N ASP A 157 19.01 23.35 -35.69
CA ASP A 157 19.57 23.45 -34.36
C ASP A 157 19.83 24.89 -33.91
N SER A 158 18.71 25.60 -33.69
CA SER A 158 18.60 26.87 -33.03
C SER A 158 18.53 26.36 -31.59
N GLU A 159 19.28 26.96 -30.64
CA GLU A 159 19.36 26.48 -29.25
C GLU A 159 17.99 26.21 -28.57
N ASP A 160 16.90 26.83 -29.07
CA ASP A 160 15.53 26.66 -28.56
C ASP A 160 14.72 25.56 -29.29
N TYR A 161 15.37 24.79 -30.18
CA TYR A 161 14.76 23.74 -31.01
C TYR A 161 14.08 22.63 -30.22
N ARG A 162 14.75 22.14 -29.16
CA ARG A 162 14.24 21.07 -28.28
C ARG A 162 12.85 21.41 -27.73
N GLU A 163 12.61 22.71 -27.43
CA GLU A 163 11.36 23.20 -26.88
C GLU A 163 10.31 23.40 -27.95
N ALA A 164 10.74 23.91 -29.12
CA ALA A 164 9.87 24.15 -30.28
C ALA A 164 9.41 22.83 -30.88
N PHE A 165 10.23 21.78 -30.69
CA PHE A 165 9.95 20.43 -31.16
C PHE A 165 8.88 19.79 -30.26
N LYS A 166 8.82 20.22 -28.99
CA LYS A 166 7.87 19.71 -28.02
C LYS A 166 6.53 20.43 -27.95
N VAL A 167 6.46 21.71 -28.38
CA VAL A 167 5.25 22.51 -28.29
C VAL A 167 4.04 21.89 -29.06
N LEU A 168 2.90 21.82 -28.37
CA LEU A 168 1.67 21.27 -28.90
C LEU A 168 0.96 22.30 -29.78
N PRO A 169 0.16 21.87 -30.81
CA PRO A 169 -0.58 22.85 -31.60
C PRO A 169 -1.71 23.48 -30.79
N ASP A 170 -2.06 24.73 -31.13
CA ASP A 170 -3.08 25.58 -30.52
C ASP A 170 -2.60 26.15 -29.18
N ALA A 171 -1.29 26.05 -28.93
CA ALA A 171 -0.60 26.67 -27.79
C ALA A 171 -0.20 28.06 -28.29
N VAL A 172 0.03 29.01 -27.37
CA VAL A 172 0.42 30.39 -27.73
C VAL A 172 1.92 30.54 -27.46
N VAL A 173 2.68 30.89 -28.50
CA VAL A 173 4.14 31.04 -28.40
C VAL A 173 4.62 32.40 -28.98
N ALA A 174 5.92 32.68 -28.82
CA ALA A 174 6.57 33.85 -29.37
C ALA A 174 7.79 33.45 -30.20
N PHE A 175 8.05 34.18 -31.28
CA PHE A 175 9.18 33.94 -32.17
C PHE A 175 9.91 35.24 -32.45
N LYS A 176 11.23 35.26 -32.22
CA LYS A 176 12.10 36.40 -32.55
C LYS A 176 12.87 36.02 -33.82
N GLY A 177 12.87 36.90 -34.80
CA GLY A 177 13.55 36.68 -36.07
C GLY A 177 13.33 37.77 -37.09
N PHE A 178 13.55 37.43 -38.37
CA PHE A 178 13.42 38.34 -39.51
C PHE A 178 12.42 37.82 -40.54
N TYR A 179 11.77 38.73 -41.28
CA TYR A 179 10.83 38.36 -42.34
C TYR A 179 11.52 38.38 -43.72
N SER A 180 11.38 37.28 -44.49
CA SER A 180 12.01 37.03 -45.79
C SER A 180 11.55 37.93 -46.95
N LYS A 181 10.24 38.23 -47.01
CA LYS A 181 9.51 38.97 -48.06
C LYS A 181 9.01 38.00 -49.16
N LYS A 182 9.37 36.71 -49.03
CA LYS A 182 8.94 35.56 -49.85
C LYS A 182 7.72 34.88 -49.16
N GLY A 183 7.46 35.27 -47.91
CA GLY A 183 6.36 34.78 -47.07
C GLY A 183 6.72 33.96 -45.86
N ILE A 184 8.02 33.91 -45.50
CA ILE A 184 8.48 33.11 -44.38
C ILE A 184 9.18 33.98 -43.32
N PHE A 185 8.87 33.72 -42.04
CA PHE A 185 9.49 34.34 -40.88
C PHE A 185 10.65 33.43 -40.45
N PHE A 186 11.88 33.89 -40.71
CA PHE A 186 13.08 33.15 -40.33
C PHE A 186 13.45 33.47 -38.89
N ALA A 187 12.87 32.68 -37.98
CA ALA A 187 13.06 32.81 -36.54
C ALA A 187 14.43 32.29 -36.12
N ASN A 188 15.01 32.92 -35.09
CA ASN A 188 16.30 32.55 -34.50
C ASN A 188 16.10 32.22 -33.00
N LYS A 189 14.91 32.57 -32.45
CA LYS A 189 14.55 32.35 -31.06
C LYS A 189 13.07 31.96 -30.92
N PHE A 190 12.80 31.02 -30.01
CA PHE A 190 11.47 30.50 -29.68
C PHE A 190 11.22 30.72 -28.18
N TYR A 191 10.00 31.18 -27.82
CA TYR A 191 9.63 31.46 -26.43
C TYR A 191 8.32 30.78 -26.03
N LEU A 192 8.26 30.32 -24.77
CA LEU A 192 7.05 29.72 -24.21
C LEU A 192 6.57 30.63 -23.08
N PRO A 193 5.24 30.68 -22.76
CA PRO A 193 4.79 31.48 -21.61
C PRO A 193 5.60 31.21 -20.32
N ASP A 194 5.95 29.90 -20.06
CA ASP A 194 6.78 29.39 -18.95
C ASP A 194 6.32 29.80 -17.53
N VAL A 195 7.19 29.61 -16.52
CA VAL A 195 6.97 30.05 -15.13
C VAL A 195 8.20 30.88 -14.72
N PRO A 196 8.08 31.95 -13.91
CA PRO A 196 9.28 32.75 -13.57
C PRO A 196 10.35 31.93 -12.86
N LEU A 197 11.61 32.13 -13.25
CA LEU A 197 12.75 31.44 -12.63
C LEU A 197 12.95 31.90 -11.17
N TYR A 198 12.60 33.17 -10.87
CA TYR A 198 12.70 33.75 -9.55
C TYR A 198 11.33 34.18 -9.04
N ARG A 199 10.95 33.70 -7.85
CA ARG A 199 9.70 34.02 -7.15
C ARG A 199 10.01 34.07 -5.64
N LYS A 200 9.54 35.12 -4.93
CA LYS A 200 9.77 35.31 -3.49
C LYS A 200 9.23 34.16 -2.63
N GLN A 201 10.06 33.69 -1.67
CA GLN A 201 9.70 32.60 -0.75
C GLN A 201 8.58 33.06 0.19
N LYS A 202 7.70 32.13 0.56
CA LYS A 202 6.55 32.39 1.40
C LYS A 202 6.89 32.32 2.90
N PRO A 203 6.22 33.11 3.77
CA PRO A 203 6.53 33.05 5.20
C PRO A 203 6.13 31.72 5.86
N PRO A 204 6.94 31.21 6.82
CA PRO A 204 6.59 29.91 7.46
C PRO A 204 5.28 29.92 8.23
N LEU A 205 4.65 28.74 8.34
CA LEU A 205 3.39 28.57 9.04
C LEU A 205 3.65 28.33 10.53
N GLU A 206 2.66 28.67 11.40
CA GLU A 206 2.74 28.47 12.86
C GLU A 206 2.92 26.98 13.16
N GLU A 207 2.14 26.14 12.46
CA GLU A 207 2.17 24.70 12.60
C GLU A 207 2.34 23.98 11.27
N LYS A 208 2.88 22.74 11.33
CA LYS A 208 3.08 21.89 10.17
C LYS A 208 1.73 21.25 9.83
N VAL A 209 1.30 21.41 8.56
CA VAL A 209 0.01 20.91 8.12
C VAL A 209 0.19 20.12 6.83
N TYR A 210 -0.49 18.96 6.74
CA TYR A 210 -0.40 18.07 5.59
C TYR A 210 -1.68 18.02 4.77
N ALA A 211 -1.53 17.75 3.47
CA ALA A 211 -2.60 17.57 2.50
C ALA A 211 -2.40 16.21 1.82
N ILE A 212 -3.48 15.45 1.66
CA ILE A 212 -3.44 14.13 1.01
C ILE A 212 -4.03 14.28 -0.39
N LEU A 213 -3.32 13.78 -1.41
CA LEU A 213 -3.78 13.86 -2.80
C LEU A 213 -4.17 12.50 -3.36
N ILE A 214 -5.44 12.36 -3.72
CA ILE A 214 -5.98 11.13 -4.33
C ILE A 214 -6.75 11.49 -5.60
N SER A 215 -7.04 10.50 -6.45
CA SER A 215 -7.81 10.62 -7.69
C SER A 215 -8.09 9.23 -8.22
N ASP A 216 -8.90 9.16 -9.28
CA ASP A 216 -9.27 7.97 -10.04
C ASP A 216 -9.61 6.79 -9.13
N ILE A 217 -10.59 7.01 -8.25
CA ILE A 217 -11.07 6.00 -7.31
C ILE A 217 -11.79 4.90 -8.10
N HIS A 218 -12.60 5.30 -9.10
CA HIS A 218 -13.34 4.41 -10.01
C HIS A 218 -14.28 3.46 -9.28
N VAL A 219 -15.06 3.97 -8.31
CA VAL A 219 -16.06 3.17 -7.58
C VAL A 219 -17.11 2.69 -8.59
N GLY A 220 -17.34 1.38 -8.60
CA GLY A 220 -18.27 0.71 -9.49
C GLY A 220 -17.59 -0.33 -10.34
N SER A 221 -16.28 -0.18 -10.49
CA SER A 221 -15.40 -1.08 -11.24
C SER A 221 -15.03 -2.28 -10.39
N ARG A 222 -14.92 -3.46 -11.04
CA ARG A 222 -14.52 -4.70 -10.39
C ARG A 222 -13.04 -4.62 -10.00
N GLU A 223 -12.30 -3.74 -10.69
CA GLU A 223 -10.87 -3.52 -10.50
C GLU A 223 -10.57 -2.48 -9.44
N PHE A 224 -11.61 -1.92 -8.78
CA PHE A 224 -11.45 -0.96 -7.70
C PHE A 224 -10.87 -1.68 -6.49
N CYS A 225 -9.71 -1.20 -6.02
CA CYS A 225 -8.98 -1.74 -4.88
C CYS A 225 -9.67 -1.37 -3.57
N GLU A 226 -10.82 -2.04 -3.37
CA GLU A 226 -11.76 -1.92 -2.25
C GLU A 226 -11.09 -2.03 -0.88
N LYS A 227 -10.32 -3.11 -0.64
CA LYS A 227 -9.63 -3.33 0.63
C LYS A 227 -8.55 -2.31 0.87
N ALA A 228 -7.79 -1.93 -0.18
CA ALA A 228 -6.71 -0.96 -0.11
C ALA A 228 -7.25 0.42 0.27
N PHE A 229 -8.42 0.80 -0.29
CA PHE A 229 -9.07 2.07 0.00
C PHE A 229 -9.63 2.09 1.42
N LEU A 230 -10.17 0.96 1.91
CA LEU A 230 -10.69 0.84 3.28
C LEU A 230 -9.55 0.99 4.29
N LYS A 231 -8.36 0.42 3.96
CA LYS A 231 -7.15 0.51 4.76
C LYS A 231 -6.59 1.94 4.76
N PHE A 232 -6.87 2.71 3.68
CA PHE A 232 -6.47 4.12 3.57
C PHE A 232 -7.35 4.99 4.45
N LEU A 233 -8.66 4.65 4.52
CA LEU A 233 -9.64 5.33 5.38
C LEU A 233 -9.31 5.07 6.85
N GLU A 234 -8.81 3.86 7.17
CA GLU A 234 -8.36 3.46 8.52
C GLU A 234 -7.14 4.29 8.89
N TRP A 235 -6.16 4.41 7.96
CA TRP A 235 -4.93 5.21 8.09
C TRP A 235 -5.28 6.67 8.40
N LEU A 236 -6.28 7.24 7.68
CA LEU A 236 -6.77 8.63 7.85
C LEU A 236 -7.36 8.85 9.24
N ASN A 237 -7.98 7.79 9.81
CA ASN A 237 -8.62 7.79 11.13
C ASN A 237 -7.67 7.46 12.30
N GLY A 238 -6.37 7.61 12.07
CA GLY A 238 -5.34 7.38 13.08
C GLY A 238 -4.97 5.94 13.33
N HIS A 239 -5.42 5.00 12.46
CA HIS A 239 -5.08 3.59 12.60
C HIS A 239 -3.79 3.31 11.83
N VAL A 240 -2.68 3.84 12.37
CA VAL A 240 -1.30 3.72 11.85
C VAL A 240 -0.47 2.86 12.83
N GLU A 241 0.68 2.36 12.39
CA GLU A 241 1.49 1.51 13.27
C GLU A 241 2.87 2.10 13.64
N SER A 242 3.21 3.31 13.12
CA SER A 242 4.47 3.98 13.44
C SER A 242 4.25 5.40 13.93
N LYS A 243 5.19 5.89 14.78
CA LYS A 243 5.17 7.24 15.39
C LYS A 243 5.26 8.34 14.36
N GLU A 244 6.02 8.12 13.28
CA GLU A 244 6.19 9.09 12.18
C GLU A 244 4.86 9.29 11.45
N GLU A 245 4.12 8.20 11.20
CA GLU A 245 2.79 8.21 10.56
C GLU A 245 1.80 8.92 11.47
N GLU A 246 1.90 8.67 12.80
CA GLU A 246 1.06 9.24 13.85
C GLU A 246 1.17 10.76 13.87
N GLU A 247 2.40 11.31 13.72
CA GLU A 247 2.60 12.76 13.70
C GLU A 247 2.13 13.36 12.37
N ILE A 248 2.05 12.56 11.28
CA ILE A 248 1.52 13.03 9.99
C ILE A 248 -0.02 13.08 10.05
N VAL A 249 -0.68 11.97 10.46
CA VAL A 249 -2.15 11.82 10.56
C VAL A 249 -2.78 12.91 11.46
N SER A 250 -2.10 13.28 12.56
CA SER A 250 -2.54 14.32 13.50
C SER A 250 -2.55 15.70 12.84
N ARG A 251 -1.69 15.90 11.84
CA ARG A 251 -1.54 17.16 11.10
C ARG A 251 -2.20 17.18 9.70
N VAL A 252 -2.90 16.10 9.31
CA VAL A 252 -3.61 16.05 8.02
C VAL A 252 -4.94 16.77 8.17
N LYS A 253 -5.13 17.85 7.40
CA LYS A 253 -6.35 18.67 7.45
C LYS A 253 -7.07 18.74 6.10
N TYR A 254 -6.40 18.33 5.01
CA TYR A 254 -6.99 18.42 3.66
C TYR A 254 -6.83 17.16 2.81
N LEU A 255 -7.88 16.84 2.05
CA LEU A 255 -7.93 15.71 1.12
C LEU A 255 -8.46 16.22 -0.21
N ILE A 256 -7.63 16.12 -1.27
CA ILE A 256 -8.00 16.59 -2.60
C ILE A 256 -8.17 15.41 -3.55
N ILE A 257 -9.38 15.34 -4.17
CA ILE A 257 -9.76 14.27 -5.10
C ILE A 257 -9.91 14.85 -6.53
N ALA A 258 -8.94 14.55 -7.41
CA ALA A 258 -8.83 15.06 -8.78
C ALA A 258 -9.46 14.18 -9.88
N GLY A 259 -10.76 13.93 -9.76
CA GLY A 259 -11.54 13.24 -10.79
C GLY A 259 -11.60 11.73 -10.81
N ASP A 260 -12.51 11.23 -11.66
CA ASP A 260 -12.87 9.83 -11.88
C ASP A 260 -13.14 9.12 -10.55
N VAL A 261 -13.99 9.75 -9.73
CA VAL A 261 -14.38 9.31 -8.40
C VAL A 261 -15.27 8.06 -8.51
N VAL A 262 -16.01 7.93 -9.62
CA VAL A 262 -16.82 6.76 -9.96
C VAL A 262 -16.34 6.23 -11.34
N ASP A 263 -16.63 4.95 -11.68
CA ASP A 263 -16.23 4.40 -12.98
C ASP A 263 -17.13 4.88 -14.12
N GLY A 264 -18.35 5.27 -13.79
CA GLY A 264 -19.31 5.76 -14.77
C GLY A 264 -20.06 4.69 -15.51
N ILE A 265 -20.83 5.12 -16.52
CA ILE A 265 -21.70 4.29 -17.37
C ILE A 265 -21.48 4.72 -18.82
N GLY A 266 -21.27 3.74 -19.69
CA GLY A 266 -21.09 3.95 -21.12
C GLY A 266 -19.88 4.79 -21.52
N ILE A 267 -18.81 4.74 -20.73
CA ILE A 267 -17.56 5.49 -20.98
C ILE A 267 -16.82 4.92 -22.20
N TYR A 268 -16.83 3.60 -22.35
CA TYR A 268 -16.22 2.89 -23.48
C TYR A 268 -17.04 1.63 -23.79
N PRO A 269 -17.02 1.10 -25.05
CA PRO A 269 -17.79 -0.12 -25.34
C PRO A 269 -17.23 -1.32 -24.59
N GLY A 270 -18.12 -2.10 -23.99
CA GLY A 270 -17.74 -3.28 -23.21
C GLY A 270 -17.47 -3.02 -21.74
N GLN A 271 -17.69 -1.77 -21.27
CA GLN A 271 -17.51 -1.37 -19.87
C GLN A 271 -18.37 -2.20 -18.90
N TYR A 272 -19.59 -2.61 -19.34
CA TYR A 272 -20.51 -3.42 -18.54
C TYR A 272 -19.86 -4.70 -17.99
N SER A 273 -18.97 -5.32 -18.77
CA SER A 273 -18.24 -6.53 -18.39
C SER A 273 -17.32 -6.33 -17.19
N ASP A 274 -16.97 -5.06 -16.87
CA ASP A 274 -16.09 -4.70 -15.76
C ASP A 274 -16.83 -4.12 -14.54
N LEU A 275 -18.11 -3.76 -14.72
CA LEU A 275 -18.88 -3.10 -13.66
C LEU A 275 -19.55 -4.05 -12.68
N VAL A 276 -19.23 -3.83 -11.39
CA VAL A 276 -19.80 -4.51 -10.25
C VAL A 276 -21.08 -3.74 -9.91
N ILE A 277 -21.02 -2.38 -9.91
CA ILE A 277 -22.15 -1.48 -9.68
C ILE A 277 -22.50 -0.88 -11.05
N PRO A 278 -23.48 -1.47 -11.81
CA PRO A 278 -23.80 -0.95 -13.14
C PRO A 278 -24.89 0.13 -13.14
N ASP A 279 -24.89 1.01 -12.13
CA ASP A 279 -25.85 2.10 -11.96
C ASP A 279 -25.10 3.35 -11.46
N ILE A 280 -25.25 4.48 -12.16
CA ILE A 280 -24.57 5.75 -11.84
C ILE A 280 -24.99 6.32 -10.45
N PHE A 281 -26.28 6.20 -10.08
CA PHE A 281 -26.78 6.68 -8.78
C PHE A 281 -26.17 5.88 -7.65
N ASP A 282 -26.12 4.55 -7.83
CA ASP A 282 -25.57 3.62 -6.85
C ASP A 282 -24.06 3.72 -6.71
N GLN A 283 -23.38 4.21 -7.76
CA GLN A 283 -21.93 4.43 -7.78
C GLN A 283 -21.58 5.60 -6.86
N TYR A 284 -22.34 6.73 -6.95
CA TYR A 284 -22.16 7.91 -6.11
C TYR A 284 -22.58 7.68 -4.68
N GLU A 285 -23.59 6.82 -4.48
CA GLU A 285 -24.07 6.45 -3.16
C GLU A 285 -23.03 5.59 -2.45
N ALA A 286 -22.41 4.64 -3.18
CA ALA A 286 -21.35 3.76 -2.65
C ALA A 286 -20.12 4.57 -2.28
N LEU A 287 -19.75 5.53 -3.14
CA LEU A 287 -18.62 6.44 -2.94
C LEU A 287 -18.82 7.31 -1.69
N ALA A 288 -20.00 7.97 -1.57
CA ALA A 288 -20.34 8.82 -0.43
C ALA A 288 -20.35 8.05 0.90
N ASN A 289 -20.72 6.75 0.87
CA ASN A 289 -20.74 5.90 2.05
C ASN A 289 -19.33 5.64 2.56
N LEU A 290 -18.37 5.56 1.62
CA LEU A 290 -16.95 5.38 1.92
C LEU A 290 -16.36 6.69 2.44
N LEU A 291 -16.58 7.79 1.71
CA LEU A 291 -16.10 9.15 2.03
C LEU A 291 -16.71 9.76 3.29
N ALA A 292 -17.82 9.17 3.78
CA ALA A 292 -18.48 9.58 5.03
C ALA A 292 -17.59 9.18 6.21
N ASN A 293 -16.70 8.20 5.99
CA ASN A 293 -15.74 7.69 6.98
C ASN A 293 -14.43 8.49 7.02
N VAL A 294 -14.38 9.66 6.33
CA VAL A 294 -13.23 10.56 6.35
C VAL A 294 -13.40 11.44 7.60
N PRO A 295 -12.36 11.57 8.48
CA PRO A 295 -12.50 12.39 9.70
C PRO A 295 -13.06 13.80 9.46
N GLU A 296 -13.89 14.30 10.42
CA GLU A 296 -14.54 15.61 10.36
C GLU A 296 -13.54 16.78 10.31
N HIS A 297 -12.35 16.60 10.93
CA HIS A 297 -11.28 17.59 10.93
C HIS A 297 -10.54 17.70 9.59
N ILE A 298 -10.92 16.85 8.59
CA ILE A 298 -10.34 16.87 7.26
C ILE A 298 -11.36 17.49 6.30
N THR A 299 -10.93 18.52 5.54
CA THR A 299 -11.76 19.16 4.53
C THR A 299 -11.44 18.48 3.20
N MET A 300 -12.47 17.92 2.56
CA MET A 300 -12.36 17.23 1.28
C MET A 300 -12.74 18.16 0.14
N PHE A 301 -11.92 18.19 -0.90
CA PHE A 301 -12.15 18.97 -2.11
C PHE A 301 -12.32 17.96 -3.24
N ILE A 302 -13.54 17.81 -3.76
CA ILE A 302 -13.86 16.81 -4.78
C ILE A 302 -14.17 17.44 -6.14
N GLY A 303 -13.34 17.08 -7.12
CA GLY A 303 -13.50 17.53 -8.50
C GLY A 303 -13.87 16.41 -9.46
N PRO A 304 -14.55 16.75 -10.59
CA PRO A 304 -14.92 15.68 -11.56
C PRO A 304 -13.81 15.31 -12.54
N GLY A 305 -13.99 14.16 -13.19
CA GLY A 305 -13.14 13.60 -14.23
C GLY A 305 -13.98 13.24 -15.44
N ASN A 306 -13.42 12.52 -16.43
CA ASN A 306 -14.16 12.16 -17.65
C ASN A 306 -15.13 10.97 -17.48
N ALA A 307 -15.00 10.17 -16.39
CA ALA A 307 -15.86 9.00 -16.10
C ALA A 307 -17.06 9.44 -15.30
N ASP A 308 -16.94 10.59 -14.64
CA ASP A 308 -17.95 11.19 -13.76
C ASP A 308 -19.19 11.70 -14.46
N ALA A 309 -20.28 11.85 -13.68
CA ALA A 309 -21.56 12.42 -14.11
C ALA A 309 -21.34 13.93 -14.00
N ALA A 310 -20.77 14.47 -15.10
CA ALA A 310 -20.38 15.86 -15.25
C ALA A 310 -20.37 16.18 -16.73
N ARG A 311 -20.20 17.46 -17.08
CA ARG A 311 -20.18 17.97 -18.44
C ARG A 311 -19.26 17.12 -19.36
N PRO A 312 -19.75 16.68 -20.55
CA PRO A 312 -18.89 15.85 -21.42
C PRO A 312 -17.89 16.64 -22.26
N ALA A 313 -17.35 17.73 -21.71
CA ALA A 313 -16.34 18.60 -22.31
C ALA A 313 -15.66 19.38 -21.17
N ILE A 314 -14.44 19.86 -21.41
CA ILE A 314 -13.68 20.61 -20.40
C ILE A 314 -13.64 22.10 -20.73
N PRO A 315 -13.80 23.01 -19.72
CA PRO A 315 -13.91 22.77 -18.27
C PRO A 315 -15.26 22.21 -17.79
N GLN A 316 -15.22 21.48 -16.68
CA GLN A 316 -16.39 20.88 -16.04
C GLN A 316 -16.69 21.73 -14.82
N PRO A 317 -17.80 22.51 -14.85
CA PRO A 317 -18.09 23.39 -13.71
C PRO A 317 -18.10 22.65 -12.38
N GLU A 318 -18.77 21.49 -12.33
CA GLU A 318 -18.98 20.65 -11.14
C GLU A 318 -19.49 19.27 -11.61
N PHE A 319 -20.16 18.53 -10.71
CA PHE A 319 -20.82 17.27 -11.00
C PHE A 319 -22.29 17.56 -11.30
N TYR A 320 -22.96 16.66 -12.02
CA TYR A 320 -24.39 16.75 -12.29
C TYR A 320 -25.05 16.35 -10.97
N LYS A 321 -25.62 17.32 -10.24
CA LYS A 321 -26.27 17.15 -8.92
C LYS A 321 -27.35 16.07 -8.87
N GLU A 322 -28.04 15.78 -10.00
CA GLU A 322 -29.09 14.76 -10.07
C GLU A 322 -28.52 13.34 -9.81
N TYR A 323 -27.29 13.08 -10.29
CA TYR A 323 -26.63 11.78 -10.19
C TYR A 323 -25.63 11.73 -9.03
N ALA A 324 -24.89 12.84 -8.81
CA ALA A 324 -23.83 12.96 -7.81
C ALA A 324 -24.26 13.54 -6.43
N LYS A 325 -25.57 13.74 -6.20
CA LYS A 325 -26.13 14.28 -4.94
C LYS A 325 -25.53 13.67 -3.63
N PRO A 326 -25.28 12.34 -3.48
CA PRO A 326 -24.76 11.84 -2.20
C PRO A 326 -23.44 12.44 -1.73
N ILE A 327 -22.55 12.84 -2.66
CA ILE A 327 -21.25 13.43 -2.27
C ILE A 327 -21.44 14.92 -1.91
N TYR A 328 -22.43 15.60 -2.52
CA TYR A 328 -22.78 17.00 -2.22
C TYR A 328 -23.29 17.15 -0.78
N LYS A 329 -23.83 16.07 -0.20
CA LYS A 329 -24.41 16.02 1.15
C LYS A 329 -23.42 15.63 2.26
N LEU A 330 -22.13 15.41 1.92
CA LEU A 330 -21.10 15.09 2.93
C LEU A 330 -20.75 16.38 3.68
N LYS A 331 -20.82 16.34 5.01
CA LYS A 331 -20.60 17.49 5.90
C LYS A 331 -19.25 18.20 5.71
N ASN A 332 -18.17 17.43 5.48
CA ASN A 332 -16.82 17.97 5.31
C ASN A 332 -16.31 17.99 3.86
N ALA A 333 -17.22 18.00 2.88
CA ALA A 333 -16.85 18.02 1.46
C ALA A 333 -17.22 19.31 0.75
N ILE A 334 -16.32 19.76 -0.14
CA ILE A 334 -16.48 20.94 -0.97
C ILE A 334 -16.29 20.49 -2.41
N ILE A 335 -17.37 20.59 -3.21
CA ILE A 335 -17.34 20.23 -4.62
C ILE A 335 -16.66 21.35 -5.37
N ILE A 336 -15.55 21.02 -6.03
CA ILE A 336 -14.75 21.94 -6.83
C ILE A 336 -14.93 21.60 -8.31
N SER A 337 -14.63 22.56 -9.18
CA SER A 337 -14.71 22.42 -10.63
C SER A 337 -13.46 21.73 -11.18
N ASN A 338 -13.48 21.39 -12.49
CA ASN A 338 -12.34 20.83 -13.20
C ASN A 338 -12.02 21.77 -14.38
N PRO A 339 -10.99 22.64 -14.28
CA PRO A 339 -10.01 22.78 -13.20
C PRO A 339 -10.45 23.70 -12.05
N ALA A 340 -9.68 23.67 -10.95
CA ALA A 340 -9.89 24.53 -9.78
C ALA A 340 -8.54 24.91 -9.14
N VAL A 341 -8.49 26.02 -8.39
CA VAL A 341 -7.28 26.46 -7.68
C VAL A 341 -7.65 26.63 -6.21
N ILE A 342 -7.08 25.80 -5.34
CA ILE A 342 -7.33 25.82 -3.90
C ILE A 342 -6.13 26.44 -3.20
N ARG A 343 -6.35 27.53 -2.49
CA ARG A 343 -5.33 28.21 -1.69
C ARG A 343 -5.42 27.66 -0.28
N LEU A 344 -4.38 26.91 0.12
CA LEU A 344 -4.29 26.31 1.46
C LEU A 344 -3.13 26.98 2.17
N HIS A 345 -3.43 27.73 3.24
CA HIS A 345 -2.45 28.45 4.07
C HIS A 345 -1.51 29.35 3.21
N GLY A 346 -2.09 30.02 2.21
CA GLY A 346 -1.37 30.90 1.31
C GLY A 346 -0.68 30.23 0.13
N ARG A 347 -0.83 28.90 -0.01
CA ARG A 347 -0.22 28.12 -1.11
C ARG A 347 -1.25 27.70 -2.12
N ASP A 348 -1.01 28.03 -3.40
CA ASP A 348 -1.91 27.72 -4.50
C ASP A 348 -1.74 26.31 -5.06
N PHE A 349 -2.81 25.53 -4.97
CA PHE A 349 -2.88 24.14 -5.45
C PHE A 349 -3.84 24.09 -6.64
N LEU A 350 -3.28 23.98 -7.85
CA LEU A 350 -4.05 23.89 -9.09
C LEU A 350 -4.42 22.44 -9.32
N ILE A 351 -5.74 22.15 -9.29
CA ILE A 351 -6.30 20.80 -9.42
C ILE A 351 -7.01 20.66 -10.76
N ALA A 352 -6.56 19.68 -11.57
CA ALA A 352 -7.12 19.37 -12.89
C ALA A 352 -7.16 17.85 -13.02
N HIS A 353 -8.08 17.31 -13.84
CA HIS A 353 -8.15 15.86 -13.98
C HIS A 353 -6.96 15.27 -14.71
N GLY A 354 -6.47 15.93 -15.75
CA GLY A 354 -5.26 15.46 -16.44
C GLY A 354 -5.43 15.03 -17.87
N ARG A 355 -6.50 15.49 -18.54
CA ARG A 355 -6.79 15.17 -19.94
C ARG A 355 -5.67 15.62 -20.88
N GLY A 356 -5.00 16.73 -20.52
CA GLY A 356 -3.88 17.28 -21.26
C GLY A 356 -2.63 16.42 -21.31
N ILE A 357 -2.43 15.51 -20.32
CA ILE A 357 -1.27 14.61 -20.31
C ILE A 357 -1.33 13.68 -21.53
N GLU A 358 -2.55 13.24 -21.93
CA GLU A 358 -2.78 12.42 -23.11
C GLU A 358 -2.36 13.13 -24.37
N ASP A 359 -2.69 14.45 -24.50
CA ASP A 359 -2.34 15.30 -25.62
C ASP A 359 -0.84 15.36 -25.82
N VAL A 360 -0.08 15.50 -24.71
CA VAL A 360 1.38 15.57 -24.71
C VAL A 360 2.01 14.23 -25.16
N VAL A 361 1.55 13.09 -24.60
CA VAL A 361 2.11 11.77 -24.93
C VAL A 361 1.82 11.38 -26.41
N SER A 362 0.69 11.81 -27.00
CA SER A 362 0.39 11.52 -28.40
C SER A 362 1.22 12.37 -29.37
N PHE A 363 1.29 13.69 -29.12
CA PHE A 363 1.99 14.65 -29.96
C PHE A 363 3.51 14.67 -29.79
N VAL A 364 4.02 14.41 -28.58
CA VAL A 364 5.47 14.45 -28.32
C VAL A 364 6.11 13.05 -28.23
N PRO A 365 6.89 12.64 -29.26
CA PRO A 365 7.58 11.35 -29.22
C PRO A 365 8.75 11.41 -28.23
N GLY A 366 8.82 10.40 -27.37
CA GLY A 366 9.83 10.33 -26.33
C GLY A 366 9.15 10.46 -24.99
N LEU A 367 8.16 11.37 -24.91
CA LEU A 367 7.34 11.55 -23.71
C LEU A 367 6.22 10.52 -23.73
N THR A 368 6.00 9.87 -22.58
CA THR A 368 5.02 8.78 -22.40
C THR A 368 4.52 8.71 -20.95
N HIS A 369 3.55 7.82 -20.67
CA HIS A 369 3.10 7.54 -19.29
C HIS A 369 4.25 6.71 -18.64
N HIS A 370 4.07 6.12 -17.44
CA HIS A 370 5.16 5.46 -16.65
C HIS A 370 5.90 6.58 -15.94
N LYS A 371 5.79 7.78 -16.51
CA LYS A 371 6.36 9.04 -16.03
C LYS A 371 5.47 10.22 -16.48
N PRO A 372 4.19 10.41 -15.98
CA PRO A 372 3.42 11.61 -16.40
C PRO A 372 3.99 12.97 -15.93
N GLY A 373 5.06 12.95 -15.11
CA GLY A 373 5.69 14.15 -14.59
C GLY A 373 6.21 15.10 -15.65
N LEU A 374 6.94 14.56 -16.67
CA LEU A 374 7.48 15.35 -17.78
C LEU A 374 6.36 15.91 -18.67
N PRO A 375 5.34 15.12 -19.12
CA PRO A 375 4.21 15.72 -19.86
C PRO A 375 3.51 16.84 -19.10
N MET A 376 3.39 16.74 -17.75
CA MET A 376 2.79 17.75 -16.87
C MET A 376 3.63 19.04 -16.87
N VAL A 377 4.97 18.92 -16.94
CA VAL A 377 5.91 20.06 -16.99
C VAL A 377 5.66 20.87 -18.27
N GLU A 378 5.42 20.17 -19.39
CA GLU A 378 5.12 20.78 -20.69
C GLU A 378 3.85 21.62 -20.67
N LEU A 379 2.81 21.15 -19.95
CA LEU A 379 1.54 21.86 -19.81
C LEU A 379 1.73 23.12 -18.97
N LEU A 380 2.58 23.03 -17.94
CA LEU A 380 2.93 24.16 -17.07
C LEU A 380 3.72 25.24 -17.86
N LYS A 381 4.66 24.80 -18.71
CA LYS A 381 5.49 25.65 -19.57
C LYS A 381 4.64 26.35 -20.64
N MET A 382 3.61 25.67 -21.17
CA MET A 382 2.68 26.21 -22.15
C MET A 382 1.64 27.09 -21.47
N ARG A 383 1.49 26.92 -20.14
CA ARG A 383 0.54 27.63 -19.27
C ARG A 383 -0.91 27.39 -19.74
N HIS A 384 -1.16 26.14 -20.17
CA HIS A 384 -2.46 25.67 -20.65
C HIS A 384 -2.58 24.19 -20.31
N LEU A 385 -3.72 23.80 -19.74
CA LEU A 385 -4.01 22.44 -19.27
C LEU A 385 -4.31 21.44 -20.37
N ALA A 386 -4.90 21.89 -21.48
CA ALA A 386 -5.24 21.03 -22.63
C ALA A 386 -5.35 21.91 -23.89
N PRO A 387 -4.20 22.27 -24.50
CA PRO A 387 -4.23 23.16 -25.65
C PRO A 387 -4.77 22.53 -26.94
N THR A 388 -4.39 21.26 -27.19
CA THR A 388 -4.73 20.46 -28.38
C THR A 388 -6.23 20.30 -28.57
N PHE A 389 -6.70 20.46 -29.82
CA PHE A 389 -8.10 20.22 -30.21
C PHE A 389 -8.23 18.94 -31.03
N GLY A 390 -9.36 18.24 -30.87
CA GLY A 390 -9.65 17.06 -31.67
C GLY A 390 -9.59 15.69 -31.03
N GLY A 391 -8.76 15.54 -29.99
CA GLY A 391 -8.58 14.27 -29.30
C GLY A 391 -9.86 13.76 -28.65
N LYS A 392 -9.78 12.63 -27.93
CA LYS A 392 -10.95 12.13 -27.19
C LYS A 392 -11.31 13.22 -26.19
N VAL A 393 -10.33 14.21 -25.99
CA VAL A 393 -10.31 15.45 -25.16
C VAL A 393 -11.29 16.49 -25.74
N PRO A 394 -12.53 16.52 -25.25
CA PRO A 394 -13.52 17.47 -25.79
C PRO A 394 -13.40 18.85 -25.14
N ILE A 395 -12.95 19.84 -25.91
CA ILE A 395 -12.81 21.21 -25.41
C ILE A 395 -14.06 22.01 -25.78
N ALA A 396 -14.72 22.55 -24.74
CA ALA A 396 -15.94 23.34 -24.87
C ALA A 396 -15.70 24.69 -25.55
N PRO A 397 -16.57 25.06 -26.53
CA PRO A 397 -16.40 26.38 -27.18
C PRO A 397 -16.99 27.50 -26.32
N ASP A 398 -16.39 27.69 -25.13
CA ASP A 398 -16.81 28.68 -24.13
C ASP A 398 -16.34 30.12 -24.48
N PRO A 399 -16.94 31.18 -23.87
CA PRO A 399 -16.53 32.56 -24.22
C PRO A 399 -15.12 32.94 -23.78
N GLU A 400 -14.70 32.42 -22.62
CA GLU A 400 -13.40 32.67 -22.02
C GLU A 400 -12.67 31.32 -21.92
N ASP A 401 -11.35 31.34 -22.09
CA ASP A 401 -10.54 30.12 -21.95
C ASP A 401 -10.11 30.00 -20.51
N LEU A 402 -10.81 29.11 -19.77
CA LEU A 402 -10.57 28.85 -18.36
C LEU A 402 -9.56 27.72 -18.13
N LEU A 403 -8.94 27.22 -19.24
CA LEU A 403 -7.91 26.18 -19.19
C LEU A 403 -6.49 26.77 -19.20
N VAL A 404 -6.38 28.12 -19.36
CA VAL A 404 -5.13 28.87 -19.32
C VAL A 404 -4.72 28.96 -17.84
N ILE A 405 -3.48 28.57 -17.50
CA ILE A 405 -2.93 28.68 -16.15
C ILE A 405 -2.53 30.17 -16.02
N GLU A 406 -3.52 31.03 -15.67
CA GLU A 406 -3.36 32.49 -15.57
C GLU A 406 -2.34 32.89 -14.52
N GLU A 407 -2.34 32.22 -13.38
CA GLU A 407 -1.41 32.50 -12.30
C GLU A 407 -0.53 31.32 -12.01
N VAL A 408 0.67 31.59 -11.50
CA VAL A 408 1.68 30.56 -11.19
C VAL A 408 1.31 29.78 -9.93
N PRO A 409 1.05 28.46 -10.02
CA PRO A 409 0.71 27.71 -8.81
C PRO A 409 1.96 27.24 -8.07
N ASP A 410 1.78 26.80 -6.82
CA ASP A 410 2.87 26.25 -6.01
C ASP A 410 2.92 24.73 -6.24
N LEU A 411 1.74 24.13 -6.50
CA LEU A 411 1.55 22.72 -6.77
C LEU A 411 0.48 22.53 -7.85
N VAL A 412 0.72 21.56 -8.75
CA VAL A 412 -0.21 21.13 -9.78
C VAL A 412 -0.53 19.65 -9.54
N GLN A 413 -1.79 19.36 -9.26
CA GLN A 413 -2.24 17.96 -9.07
C GLN A 413 -3.11 17.52 -10.24
N MET A 414 -2.76 16.38 -10.82
CA MET A 414 -3.52 15.76 -11.91
C MET A 414 -3.70 14.28 -11.64
N GLY A 415 -4.72 13.71 -12.24
CA GLY A 415 -5.03 12.29 -12.18
C GLY A 415 -5.03 11.75 -13.59
N HIS A 416 -6.12 11.09 -13.98
CA HIS A 416 -6.43 10.56 -15.31
C HIS A 416 -5.53 9.43 -15.83
N VAL A 417 -4.19 9.58 -15.83
CA VAL A 417 -3.29 8.56 -16.42
C VAL A 417 -3.07 7.29 -15.56
N HIS A 418 -3.45 7.34 -14.26
CA HIS A 418 -3.39 6.19 -13.33
C HIS A 418 -1.98 5.77 -12.93
N VAL A 419 -0.97 6.65 -13.17
CA VAL A 419 0.43 6.38 -12.83
C VAL A 419 0.91 7.50 -11.92
N TYR A 420 1.50 7.13 -10.77
CA TYR A 420 2.08 8.10 -9.85
C TYR A 420 3.40 8.65 -10.42
N ASP A 421 3.66 9.93 -10.14
CA ASP A 421 4.87 10.65 -10.46
C ASP A 421 4.86 11.99 -9.73
N ALA A 422 6.05 12.56 -9.50
CA ALA A 422 6.25 13.83 -8.84
C ALA A 422 7.58 14.40 -9.31
N VAL A 423 7.56 15.65 -9.77
CA VAL A 423 8.71 16.36 -10.30
C VAL A 423 8.56 17.85 -10.00
N VAL A 424 9.68 18.52 -9.65
CA VAL A 424 9.70 19.96 -9.38
C VAL A 424 10.29 20.72 -10.58
N TYR A 425 9.55 21.71 -11.10
CA TYR A 425 9.98 22.56 -12.20
C TYR A 425 9.85 24.01 -11.76
N ARG A 426 11.01 24.70 -11.59
CA ARG A 426 11.12 26.11 -11.18
C ARG A 426 10.29 26.43 -9.91
N GLY A 427 10.44 25.59 -8.88
CA GLY A 427 9.76 25.74 -7.59
C GLY A 427 8.33 25.24 -7.53
N VAL A 428 7.78 24.79 -8.69
CA VAL A 428 6.43 24.27 -8.81
C VAL A 428 6.48 22.74 -8.73
N GLN A 429 5.67 22.16 -7.84
CA GLN A 429 5.55 20.72 -7.67
C GLN A 429 4.46 20.18 -8.61
N LEU A 430 4.86 19.32 -9.55
CA LEU A 430 3.97 18.63 -10.48
C LEU A 430 3.80 17.25 -9.88
N VAL A 431 2.54 16.81 -9.66
CA VAL A 431 2.29 15.51 -9.05
C VAL A 431 1.03 14.83 -9.62
N ASN A 432 1.15 13.53 -9.95
CA ASN A 432 0.04 12.71 -10.42
C ASN A 432 -0.34 11.77 -9.27
N SER A 433 -1.57 11.93 -8.75
CA SER A 433 -2.12 11.20 -7.59
C SER A 433 -2.57 9.75 -7.87
N ALA A 434 -2.18 9.20 -9.05
CA ALA A 434 -2.40 7.83 -9.50
C ALA A 434 -3.88 7.40 -9.56
N THR A 435 -4.22 6.23 -8.96
CA THR A 435 -5.54 5.61 -9.01
C THR A 435 -5.77 4.60 -7.89
N TRP A 436 -7.04 4.20 -7.69
CA TRP A 436 -7.44 3.14 -6.76
C TRP A 436 -8.01 1.99 -7.59
N GLN A 437 -7.74 1.98 -8.90
CA GLN A 437 -8.21 1.00 -9.85
C GLN A 437 -7.06 0.19 -10.43
N ALA A 438 -7.11 -1.15 -10.30
CA ALA A 438 -6.14 -2.09 -10.84
C ALA A 438 -6.33 -2.20 -12.35
N GLN A 439 -5.36 -2.78 -13.08
CA GLN A 439 -5.44 -2.90 -14.54
C GLN A 439 -6.68 -3.63 -15.03
N THR A 440 -7.51 -2.92 -15.79
CA THR A 440 -8.73 -3.42 -16.40
C THR A 440 -8.35 -4.15 -17.70
N GLU A 441 -9.30 -4.90 -18.27
CA GLU A 441 -9.24 -5.61 -19.54
C GLU A 441 -8.85 -4.58 -20.61
N PHE A 442 -9.60 -3.45 -20.69
CA PHE A 442 -9.41 -2.36 -21.66
C PHE A 442 -8.05 -1.71 -21.55
N GLN A 443 -7.57 -1.46 -20.30
CA GLN A 443 -6.27 -0.85 -20.03
C GLN A 443 -5.14 -1.75 -20.57
N LYS A 444 -5.24 -3.09 -20.36
CA LYS A 444 -4.31 -4.09 -20.85
C LYS A 444 -4.17 -3.99 -22.37
N MET A 445 -5.32 -3.87 -23.07
CA MET A 445 -5.43 -3.76 -24.53
C MET A 445 -4.81 -2.50 -25.11
N VAL A 446 -4.96 -1.35 -24.42
CA VAL A 446 -4.43 -0.05 -24.86
C VAL A 446 -3.07 0.25 -24.20
N ASN A 447 -2.49 -0.79 -23.58
CA ASN A 447 -1.17 -0.81 -22.94
C ASN A 447 -1.00 0.24 -21.83
N ILE A 448 -2.03 0.41 -20.96
CA ILE A 448 -1.98 1.31 -19.78
C ILE A 448 -1.68 0.42 -18.55
N VAL A 449 -0.53 0.69 -17.90
CA VAL A 449 -0.04 -0.05 -16.74
C VAL A 449 -0.14 0.84 -15.51
N PRO A 450 -1.21 0.69 -14.69
CA PRO A 450 -1.38 1.59 -13.54
C PRO A 450 -0.48 1.29 -12.34
N THR A 451 -0.37 2.26 -11.44
CA THR A 451 0.35 2.14 -10.17
C THR A 451 -0.73 2.41 -9.09
N PRO A 452 -1.62 1.42 -8.81
CA PRO A 452 -2.69 1.67 -7.84
C PRO A 452 -2.23 1.79 -6.39
N ALA A 453 -3.03 2.50 -5.59
CA ALA A 453 -2.90 2.73 -4.15
C ALA A 453 -1.59 3.41 -3.71
N LYS A 454 -1.08 4.35 -4.52
CA LYS A 454 0.11 5.17 -4.19
C LYS A 454 -0.38 6.58 -3.91
N VAL A 455 -0.35 6.97 -2.63
CA VAL A 455 -0.89 8.24 -2.11
C VAL A 455 0.19 9.31 -1.78
N PRO A 456 0.25 10.42 -2.57
CA PRO A 456 1.20 11.50 -2.22
C PRO A 456 0.78 12.27 -0.96
N VAL A 457 1.73 12.46 -0.03
CA VAL A 457 1.57 13.22 1.21
C VAL A 457 2.27 14.55 0.96
N VAL A 458 1.51 15.66 1.02
CA VAL A 458 2.01 17.00 0.73
C VAL A 458 2.14 17.87 1.98
N ASP A 459 3.34 18.46 2.17
CA ASP A 459 3.60 19.43 3.24
C ASP A 459 3.15 20.76 2.63
N VAL A 460 2.04 21.33 3.14
CA VAL A 460 1.42 22.57 2.68
C VAL A 460 2.42 23.75 2.67
N GLU A 461 3.26 23.89 3.73
CA GLU A 461 4.27 24.95 3.87
C GLU A 461 5.21 25.07 2.67
N SER A 462 5.81 23.96 2.23
CA SER A 462 6.73 23.97 1.09
C SER A 462 6.01 23.65 -0.22
N ALA A 463 4.75 23.17 -0.14
CA ALA A 463 3.90 22.72 -1.25
C ALA A 463 4.65 21.62 -2.01
N ARG A 464 5.17 20.64 -1.25
CA ARG A 464 5.96 19.52 -1.76
C ARG A 464 5.46 18.17 -1.30
N VAL A 465 5.63 17.15 -2.16
CA VAL A 465 5.36 15.75 -1.84
C VAL A 465 6.55 15.34 -0.97
N VAL A 466 6.28 14.97 0.29
CA VAL A 466 7.30 14.61 1.27
C VAL A 466 7.38 13.09 1.53
N LYS A 467 6.27 12.39 1.30
CA LYS A 467 6.12 10.95 1.47
C LYS A 467 5.08 10.43 0.49
N VAL A 468 5.15 9.13 0.19
CA VAL A 468 4.20 8.42 -0.67
C VAL A 468 3.73 7.23 0.14
N LEU A 469 2.43 7.18 0.43
CA LEU A 469 1.83 6.06 1.15
C LEU A 469 1.55 4.95 0.14
N ASP A 470 2.05 3.74 0.40
CA ASP A 470 1.87 2.61 -0.50
C ASP A 470 0.91 1.57 0.10
N PHE A 471 -0.33 1.54 -0.42
CA PHE A 471 -1.36 0.59 0.00
C PHE A 471 -1.54 -0.55 -1.04
N SER A 472 -0.61 -0.64 -2.04
CA SER A 472 -0.68 -1.62 -3.13
C SER A 472 -0.54 -3.10 -2.70
N GLY A 473 -0.07 -3.33 -1.47
CA GLY A 473 0.02 -4.66 -0.89
C GLY A 473 -1.38 -5.29 -0.76
N TRP A 474 -2.42 -4.42 -0.65
CA TRP A 474 -3.83 -4.78 -0.54
C TRP A 474 -4.53 -4.90 -1.91
N CYS A 475 -3.74 -4.91 -3.02
CA CYS A 475 -4.19 -5.08 -4.40
C CYS A 475 -3.57 -6.35 -4.97
N VAL B 8 3.64 -38.29 -11.19
CA VAL B 8 3.85 -37.32 -12.25
C VAL B 8 3.04 -36.04 -11.95
N VAL B 9 3.76 -34.92 -11.67
CA VAL B 9 3.17 -33.61 -11.34
C VAL B 9 2.90 -32.81 -12.64
N LEU B 10 1.75 -32.13 -12.74
CA LEU B 10 1.40 -31.28 -13.90
C LEU B 10 1.11 -29.84 -13.47
N ASP B 11 1.60 -28.86 -14.26
CA ASP B 11 1.54 -27.42 -13.93
C ASP B 11 0.57 -26.55 -14.74
N LYS B 12 0.29 -25.34 -14.19
CA LYS B 12 -0.53 -24.29 -14.77
C LYS B 12 0.19 -22.97 -14.50
N TYR B 13 0.74 -22.37 -15.58
CA TYR B 13 1.53 -21.13 -15.59
C TYR B 13 2.81 -21.24 -14.70
N GLY B 14 3.32 -22.48 -14.56
CA GLY B 14 4.52 -22.81 -13.81
C GLY B 14 4.32 -23.47 -12.45
N TYR B 15 3.17 -23.23 -11.80
CA TYR B 15 2.85 -23.72 -10.46
C TYR B 15 2.26 -25.16 -10.41
N PRO B 16 2.72 -26.05 -9.46
CA PRO B 16 2.15 -27.41 -9.38
C PRO B 16 0.68 -27.39 -8.94
N ILE B 17 -0.21 -27.89 -9.82
CA ILE B 17 -1.66 -27.86 -9.60
C ILE B 17 -2.26 -29.25 -9.36
N LEU B 18 -1.75 -30.30 -10.02
CA LEU B 18 -2.27 -31.66 -9.89
C LEU B 18 -1.24 -32.75 -10.24
N TYR B 19 -1.67 -34.01 -10.14
CA TYR B 19 -0.90 -35.21 -10.48
C TYR B 19 -1.56 -35.94 -11.64
N TYR B 30 -13.42 -39.10 -5.48
CA TYR B 30 -13.43 -38.40 -4.19
C TYR B 30 -14.48 -37.28 -4.13
N SER B 31 -14.86 -36.88 -2.89
CA SER B 31 -15.81 -35.80 -2.64
C SER B 31 -15.10 -34.53 -2.13
N LYS B 32 -15.75 -33.38 -2.33
CA LYS B 32 -15.25 -32.06 -1.94
C LYS B 32 -16.10 -31.45 -0.83
N TYR B 33 -16.80 -32.29 -0.04
CA TYR B 33 -17.68 -31.90 1.08
C TYR B 33 -18.84 -31.00 0.63
N GLU B 34 -19.18 -31.07 -0.66
CA GLU B 34 -20.24 -30.32 -1.35
C GLU B 34 -21.61 -30.57 -0.65
N ASP B 35 -21.74 -31.77 -0.05
CA ASP B 35 -22.89 -32.30 0.68
C ASP B 35 -22.95 -31.83 2.15
N VAL B 36 -21.78 -31.63 2.79
CA VAL B 36 -21.67 -31.24 4.21
C VAL B 36 -22.44 -29.93 4.53
N VAL B 37 -23.45 -30.06 5.40
CA VAL B 37 -24.31 -28.97 5.89
C VAL B 37 -24.51 -29.17 7.41
N ILE B 38 -24.03 -28.20 8.22
CA ILE B 38 -24.21 -28.22 9.68
C ILE B 38 -24.95 -26.96 10.12
N GLU B 39 -26.12 -27.16 10.68
CA GLU B 39 -26.99 -26.08 11.15
C GLU B 39 -26.63 -25.74 12.59
N TRP B 40 -26.95 -24.50 13.02
CA TRP B 40 -26.72 -24.05 14.38
C TRP B 40 -27.73 -24.75 15.31
N ASN B 41 -27.31 -25.10 16.53
CA ASN B 41 -28.17 -25.76 17.52
C ASN B 41 -29.09 -24.71 18.16
N PRO B 42 -30.42 -24.82 17.96
CA PRO B 42 -31.35 -23.80 18.50
C PRO B 42 -31.40 -23.69 20.01
N SER B 43 -31.10 -24.79 20.73
CA SER B 43 -31.07 -24.89 22.20
C SER B 43 -30.08 -23.88 22.81
N VAL B 44 -28.98 -23.63 22.06
CA VAL B 44 -27.90 -22.72 22.45
C VAL B 44 -28.12 -21.36 21.79
N THR B 45 -28.16 -20.31 22.61
CA THR B 45 -28.29 -18.92 22.12
C THR B 45 -26.94 -18.23 22.29
N PRO B 46 -26.38 -17.63 21.22
CA PRO B 46 -25.07 -16.96 21.36
C PRO B 46 -25.17 -15.67 22.16
N VAL B 47 -24.18 -15.44 23.03
CA VAL B 47 -24.10 -14.23 23.86
C VAL B 47 -23.80 -13.05 22.92
N GLN B 48 -24.64 -12.00 22.97
CA GLN B 48 -24.47 -10.83 22.12
C GLN B 48 -23.31 -9.94 22.64
N ILE B 49 -22.15 -10.04 21.96
CA ILE B 49 -20.94 -9.30 22.30
C ILE B 49 -20.49 -8.49 21.08
N GLU B 50 -20.05 -7.23 21.31
CA GLU B 50 -19.53 -6.38 20.23
C GLU B 50 -18.18 -6.91 19.75
N LYS B 51 -18.09 -7.21 18.45
CA LYS B 51 -16.88 -7.73 17.85
C LYS B 51 -15.85 -6.62 17.73
N ASN B 52 -14.82 -6.74 18.54
CA ASN B 52 -13.71 -5.81 18.61
C ASN B 52 -12.41 -6.48 18.09
N TYR B 53 -12.18 -6.41 16.77
CA TYR B 53 -10.99 -6.99 16.13
C TYR B 53 -10.29 -6.01 15.19
N GLU B 54 -8.98 -6.17 15.05
CA GLU B 54 -8.13 -5.34 14.19
C GLU B 54 -6.91 -6.15 13.76
N VAL B 55 -6.59 -6.16 12.46
CA VAL B 55 -5.37 -6.80 11.98
C VAL B 55 -4.29 -5.71 12.19
N LYS B 56 -3.62 -5.77 13.36
CA LYS B 56 -2.61 -4.81 13.79
C LYS B 56 -1.41 -4.84 12.85
N PHE B 57 -0.98 -6.05 12.46
CA PHE B 57 0.13 -6.23 11.54
C PHE B 57 -0.18 -7.26 10.46
N ASP B 58 0.16 -6.91 9.22
CA ASP B 58 0.06 -7.75 8.04
C ASP B 58 1.23 -7.39 7.13
N VAL B 59 1.81 -8.38 6.44
CA VAL B 59 2.93 -8.18 5.51
C VAL B 59 2.56 -7.19 4.38
N ARG B 60 1.24 -7.12 4.02
CA ARG B 60 0.69 -6.29 2.97
C ARG B 60 0.41 -4.84 3.39
N GLN B 61 0.62 -4.51 4.68
CA GLN B 61 0.46 -3.20 5.33
C GLN B 61 0.97 -2.02 4.53
N VAL B 62 0.43 -0.83 4.83
CA VAL B 62 0.88 0.42 4.22
C VAL B 62 2.38 0.65 4.52
N LYS B 63 3.09 1.16 3.52
CA LYS B 63 4.49 1.48 3.67
C LYS B 63 4.68 2.94 3.30
N LEU B 64 5.07 3.73 4.31
CA LEU B 64 5.37 5.16 4.16
C LEU B 64 6.72 5.21 3.46
N ARG B 65 6.72 5.71 2.21
CA ARG B 65 7.89 5.69 1.34
C ARG B 65 8.38 7.08 0.96
N PRO B 66 9.68 7.24 0.61
CA PRO B 66 10.15 8.56 0.19
C PRO B 66 9.54 8.96 -1.17
N PRO B 67 9.47 10.27 -1.52
CA PRO B 67 8.87 10.67 -2.82
C PRO B 67 9.51 10.09 -4.10
N LYS B 68 10.77 9.63 -4.01
CA LYS B 68 11.58 9.10 -5.11
C LYS B 68 12.48 7.95 -4.66
N VAL B 81 25.26 -6.01 -6.10
CA VAL B 81 24.93 -5.96 -4.66
C VAL B 81 24.53 -7.34 -4.11
N GLU B 82 24.70 -7.54 -2.80
CA GLU B 82 24.36 -8.75 -2.05
C GLU B 82 22.85 -8.76 -1.83
N ALA B 83 22.18 -9.85 -2.22
CA ALA B 83 20.72 -10.05 -2.11
C ALA B 83 20.11 -9.85 -0.71
N TYR B 84 20.85 -10.27 0.33
CA TYR B 84 20.40 -10.19 1.72
C TYR B 84 20.93 -9.00 2.51
N ALA B 85 21.79 -8.16 1.90
CA ALA B 85 22.36 -6.97 2.55
C ALA B 85 21.30 -6.06 3.21
N SER B 86 20.20 -5.76 2.50
CA SER B 86 19.12 -4.91 3.00
C SER B 86 18.34 -5.58 4.13
N LEU B 87 18.19 -6.91 4.06
CA LEU B 87 17.49 -7.70 5.08
C LEU B 87 18.24 -7.68 6.41
N PHE B 88 19.56 -7.91 6.39
CA PHE B 88 20.40 -7.90 7.59
C PHE B 88 20.53 -6.52 8.21
N LYS B 89 20.57 -5.46 7.36
CA LYS B 89 20.59 -4.06 7.78
C LYS B 89 19.29 -3.77 8.56
N SER B 90 18.13 -4.23 8.03
CA SER B 90 16.80 -4.08 8.64
C SER B 90 16.68 -4.84 9.96
N ARG B 91 17.11 -6.12 10.00
CA ARG B 91 17.10 -7.00 11.17
C ARG B 91 17.90 -6.38 12.32
N LEU B 92 19.15 -5.99 12.03
CA LEU B 92 20.04 -5.37 13.00
C LEU B 92 19.47 -4.06 13.56
N SER B 93 18.97 -3.18 12.68
CA SER B 93 18.37 -1.90 13.06
C SER B 93 17.16 -2.09 14.00
N LYS B 94 16.27 -3.04 13.67
CA LYS B 94 15.06 -3.33 14.43
C LYS B 94 15.34 -3.95 15.81
N LEU B 95 16.19 -4.98 15.86
CA LEU B 95 16.51 -5.68 17.10
C LEU B 95 17.46 -4.87 18.01
N LYS B 96 18.32 -4.01 17.43
CA LYS B 96 19.20 -3.08 18.18
C LYS B 96 18.33 -2.10 18.97
N ARG B 97 17.19 -1.68 18.39
CA ARG B 97 16.20 -0.79 19.00
C ARG B 97 15.55 -1.47 20.20
N ILE B 98 15.20 -2.76 20.08
CA ILE B 98 14.56 -3.56 21.15
C ILE B 98 15.55 -3.78 22.31
N LEU B 99 16.84 -4.06 21.99
CA LEU B 99 17.89 -4.25 22.99
C LEU B 99 18.13 -2.97 23.78
N ARG B 100 18.18 -1.81 23.08
CA ARG B 100 18.37 -0.50 23.69
C ARG B 100 17.24 -0.07 24.66
N GLU B 101 16.10 -0.79 24.59
CA GLU B 101 14.94 -0.56 25.45
C GLU B 101 15.10 -1.26 26.81
N ASN B 102 16.13 -2.14 26.93
CA ASN B 102 16.47 -2.85 28.17
C ASN B 102 17.23 -1.86 29.05
N PRO B 103 16.73 -1.57 30.28
CA PRO B 103 17.42 -0.58 31.14
C PRO B 103 18.82 -0.98 31.55
N GLU B 104 19.13 -2.29 31.56
CA GLU B 104 20.42 -2.87 31.94
C GLU B 104 21.48 -2.70 30.84
N ILE B 105 21.08 -2.38 29.60
CA ILE B 105 22.01 -2.17 28.48
C ILE B 105 22.38 -0.69 28.40
N SER B 106 23.64 -0.39 28.69
CA SER B 106 24.18 0.96 28.68
C SER B 106 25.58 1.00 28.11
N ASN B 107 26.04 2.21 27.74
CA ASN B 107 27.35 2.46 27.19
C ASN B 107 27.61 1.64 25.91
N VAL B 108 26.68 1.73 24.97
CA VAL B 108 26.76 1.01 23.70
C VAL B 108 27.74 1.73 22.78
N VAL B 109 28.72 0.98 22.25
CA VAL B 109 29.72 1.50 21.32
C VAL B 109 29.68 0.68 20.02
N ASP B 110 29.85 1.33 18.88
CA ASP B 110 29.93 0.69 17.57
C ASP B 110 31.18 -0.19 17.53
N ILE B 111 31.08 -1.36 16.89
CA ILE B 111 32.17 -2.32 16.75
C ILE B 111 33.37 -1.70 16.02
N GLY B 112 33.11 -0.84 15.04
CA GLY B 112 34.13 -0.13 14.29
C GLY B 112 34.86 0.96 15.06
N LYS B 113 34.33 1.31 16.25
CA LYS B 113 34.90 2.34 17.13
C LYS B 113 35.55 1.76 18.38
N LEU B 114 35.56 0.43 18.55
CA LEU B 114 36.19 -0.25 19.68
C LEU B 114 37.67 0.12 19.79
N ASN B 115 38.24 0.63 18.70
CA ASN B 115 39.63 1.10 18.61
C ASN B 115 39.83 2.36 19.48
N TYR B 116 38.77 3.17 19.63
CA TYR B 116 38.78 4.44 20.34
C TYR B 116 38.45 4.38 21.84
N VAL B 117 38.12 3.19 22.37
CA VAL B 117 37.78 3.02 23.78
C VAL B 117 38.98 2.49 24.60
N SER B 118 38.89 2.56 25.95
CA SER B 118 39.92 2.06 26.87
C SER B 118 39.66 0.58 27.15
N GLY B 119 40.75 -0.18 27.32
CA GLY B 119 40.69 -1.61 27.62
C GLY B 119 40.26 -1.92 29.03
N ASP B 120 40.24 -0.90 29.91
CA ASP B 120 39.79 -1.02 31.30
C ASP B 120 38.40 -0.39 31.50
N GLU B 121 37.76 0.01 30.38
CA GLU B 121 36.41 0.58 30.38
C GLU B 121 35.43 -0.43 29.82
N GLU B 122 34.39 -0.71 30.59
CA GLU B 122 33.33 -1.67 30.30
C GLU B 122 32.34 -1.06 29.33
N VAL B 123 32.21 -1.68 28.16
CA VAL B 123 31.34 -1.26 27.06
C VAL B 123 30.38 -2.37 26.63
N THR B 124 29.34 -1.99 25.88
CA THR B 124 28.35 -2.91 25.34
C THR B 124 28.39 -2.78 23.81
N ILE B 125 28.32 -3.91 23.12
CA ILE B 125 28.29 -3.97 21.65
C ILE B 125 27.04 -4.73 21.25
N ILE B 126 26.36 -4.27 20.19
CA ILE B 126 25.17 -4.91 19.64
C ILE B 126 25.49 -5.32 18.21
N GLY B 127 25.22 -6.58 17.86
CA GLY B 127 25.45 -7.08 16.52
C GLY B 127 24.84 -8.43 16.23
N LEU B 128 24.95 -8.84 14.95
CA LEU B 128 24.48 -10.12 14.42
C LEU B 128 25.49 -11.21 14.74
N VAL B 129 25.02 -12.39 15.15
CA VAL B 129 25.90 -13.53 15.41
C VAL B 129 26.21 -14.16 14.05
N ASN B 130 27.36 -13.77 13.44
CA ASN B 130 27.78 -14.29 12.15
C ASN B 130 28.16 -15.77 12.29
N SER B 131 29.05 -16.06 13.25
CA SER B 131 29.51 -17.41 13.57
C SER B 131 29.58 -17.64 15.08
N LYS B 132 29.52 -18.90 15.50
CA LYS B 132 29.54 -19.33 16.90
C LYS B 132 30.30 -20.67 16.99
N ARG B 133 31.39 -20.70 17.77
CA ARG B 133 32.28 -21.86 17.94
C ARG B 133 32.61 -22.10 19.42
N GLU B 134 32.55 -23.36 19.89
CA GLU B 134 32.87 -23.70 21.27
C GLU B 134 34.27 -24.29 21.47
N THR B 135 35.00 -23.73 22.45
CA THR B 135 36.33 -24.21 22.86
C THR B 135 36.24 -24.75 24.28
N ASN B 136 37.37 -25.25 24.79
CA ASN B 136 37.53 -25.80 26.13
C ASN B 136 37.34 -24.74 27.22
N ARG B 137 37.64 -23.46 26.91
CA ARG B 137 37.59 -22.34 27.86
C ARG B 137 36.35 -21.42 27.69
N GLY B 138 35.54 -21.61 26.64
CA GLY B 138 34.35 -20.79 26.43
C GLY B 138 33.75 -20.82 25.05
N LEU B 139 33.04 -19.72 24.68
CA LEU B 139 32.40 -19.55 23.38
C LEU B 139 33.06 -18.41 22.57
N ILE B 140 33.32 -18.66 21.27
CA ILE B 140 33.89 -17.70 20.33
C ILE B 140 32.82 -17.31 19.30
N PHE B 141 32.43 -16.03 19.32
CA PHE B 141 31.44 -15.47 18.42
C PHE B 141 32.09 -14.49 17.46
N GLU B 142 31.58 -14.45 16.23
CA GLU B 142 31.99 -13.43 15.27
C GLU B 142 30.76 -12.53 15.19
N VAL B 143 30.84 -11.37 15.85
CA VAL B 143 29.73 -10.43 15.96
C VAL B 143 29.94 -9.27 14.99
N GLU B 144 28.89 -8.96 14.20
CA GLU B 144 28.94 -7.90 13.22
C GLU B 144 27.84 -6.86 13.37
N ASP B 145 28.23 -5.58 13.30
CA ASP B 145 27.29 -4.47 13.28
C ASP B 145 27.46 -3.68 11.96
N LYS B 146 26.82 -2.54 11.82
CA LYS B 146 26.87 -1.68 10.63
C LYS B 146 28.26 -1.05 10.39
N THR B 147 29.10 -0.94 11.46
CA THR B 147 30.41 -0.30 11.45
C THR B 147 31.62 -1.25 11.40
N GLY B 148 31.43 -2.52 11.72
CA GLY B 148 32.53 -3.49 11.71
C GLY B 148 32.19 -4.88 12.21
N ILE B 149 33.24 -5.71 12.32
CA ILE B 149 33.19 -7.12 12.77
C ILE B 149 34.24 -7.31 13.89
N VAL B 150 33.91 -8.14 14.90
CA VAL B 150 34.80 -8.40 16.05
C VAL B 150 34.62 -9.84 16.56
N LYS B 151 35.72 -10.43 17.03
CA LYS B 151 35.73 -11.75 17.65
C LYS B 151 35.40 -11.51 19.14
N VAL B 152 34.39 -12.20 19.66
CA VAL B 152 33.92 -12.06 21.04
C VAL B 152 34.15 -13.37 21.77
N PHE B 153 34.79 -13.26 22.95
CA PHE B 153 35.02 -14.42 23.79
C PHE B 153 34.19 -14.31 25.07
N LEU B 154 33.41 -15.35 25.37
CA LEU B 154 32.61 -15.40 26.59
C LEU B 154 33.05 -16.64 27.36
N PRO B 155 33.64 -16.47 28.57
CA PRO B 155 34.10 -17.63 29.35
C PRO B 155 32.97 -18.52 29.85
N LYS B 156 33.29 -19.78 30.19
CA LYS B 156 32.38 -20.83 30.66
C LYS B 156 31.59 -20.48 31.92
N ASP B 157 32.22 -19.76 32.88
CA ASP B 157 31.53 -19.40 34.11
C ASP B 157 30.85 -18.01 34.06
N SER B 158 30.43 -17.60 32.87
CA SER B 158 29.66 -16.37 32.71
C SER B 158 28.27 -16.77 33.17
N GLU B 159 27.53 -15.83 33.78
CA GLU B 159 26.17 -16.09 34.28
C GLU B 159 25.24 -16.47 33.12
N ASP B 160 25.39 -15.74 32.02
CA ASP B 160 24.58 -15.87 30.82
C ASP B 160 25.13 -16.88 29.79
N TYR B 161 26.13 -17.74 30.17
CA TYR B 161 26.75 -18.73 29.29
C TYR B 161 25.77 -19.71 28.65
N ARG B 162 24.83 -20.26 29.43
CA ARG B 162 23.87 -21.25 28.91
C ARG B 162 22.91 -20.66 27.87
N GLU B 163 22.58 -19.34 27.98
CA GLU B 163 21.73 -18.66 27.02
CA GLU B 163 21.73 -18.64 27.02
C GLU B 163 22.52 -18.36 25.73
N ALA B 164 23.83 -18.07 25.88
CA ALA B 164 24.74 -17.80 24.77
C ALA B 164 25.03 -19.10 24.02
N PHE B 165 24.89 -20.24 24.72
CA PHE B 165 25.06 -21.56 24.17
C PHE B 165 23.82 -21.94 23.32
N LYS B 166 22.65 -21.39 23.67
CA LYS B 166 21.38 -21.64 22.98
C LYS B 166 21.13 -20.71 21.78
N VAL B 167 21.72 -19.49 21.75
CA VAL B 167 21.45 -18.50 20.71
C VAL B 167 21.78 -19.04 19.28
N LEU B 168 20.78 -18.87 18.40
CA LEU B 168 20.87 -19.28 16.99
C LEU B 168 21.74 -18.30 16.21
N PRO B 169 22.47 -18.75 15.16
CA PRO B 169 23.26 -17.77 14.38
C PRO B 169 22.31 -16.90 13.56
N ASP B 170 22.77 -15.67 13.27
CA ASP B 170 22.08 -14.61 12.53
C ASP B 170 21.00 -13.95 13.38
N ALA B 171 21.06 -14.19 14.70
CA ALA B 171 20.21 -13.52 15.69
C ALA B 171 21.01 -12.27 16.10
N VAL B 172 20.33 -11.24 16.63
CA VAL B 172 20.96 -10.00 17.07
C VAL B 172 21.06 -10.02 18.59
N VAL B 173 22.29 -9.92 19.11
CA VAL B 173 22.56 -9.96 20.55
C VAL B 173 23.39 -8.78 21.04
N ALA B 174 23.55 -8.67 22.36
CA ALA B 174 24.41 -7.66 22.99
C ALA B 174 25.42 -8.34 23.93
N PHE B 175 26.62 -7.76 24.02
CA PHE B 175 27.70 -8.25 24.87
C PHE B 175 28.29 -7.10 25.65
N LYS B 176 28.35 -7.25 26.99
CA LYS B 176 28.99 -6.30 27.90
C LYS B 176 30.33 -6.91 28.30
N GLY B 177 31.39 -6.12 28.18
CA GLY B 177 32.72 -6.55 28.52
C GLY B 177 33.81 -5.54 28.22
N PHE B 178 35.05 -6.02 28.08
CA PHE B 178 36.22 -5.19 27.83
C PHE B 178 36.87 -5.57 26.52
N TYR B 179 37.20 -4.55 25.71
CA TYR B 179 37.84 -4.74 24.42
C TYR B 179 39.35 -4.68 24.59
N SER B 180 40.00 -5.77 24.18
CA SER B 180 41.44 -5.92 24.19
C SER B 180 41.97 -5.28 22.92
N LYS B 181 43.05 -4.49 23.04
CA LYS B 181 43.70 -3.83 21.91
C LYS B 181 44.26 -4.89 20.92
N LYS B 182 44.27 -6.17 21.34
CA LYS B 182 44.73 -7.34 20.58
C LYS B 182 43.70 -7.77 19.55
N GLY B 183 42.45 -7.34 19.73
CA GLY B 183 41.38 -7.62 18.78
C GLY B 183 40.31 -8.60 19.22
N ILE B 184 40.18 -8.83 20.54
CA ILE B 184 39.15 -9.72 21.10
C ILE B 184 38.32 -8.97 22.13
N PHE B 185 37.01 -9.16 22.09
CA PHE B 185 36.13 -8.55 23.07
C PHE B 185 35.90 -9.60 24.17
N PHE B 186 36.49 -9.37 25.37
CA PHE B 186 36.33 -10.26 26.50
C PHE B 186 35.05 -9.92 27.27
N ALA B 187 33.95 -10.51 26.82
CA ALA B 187 32.62 -10.32 27.39
C ALA B 187 32.46 -11.00 28.73
N ASN B 188 31.68 -10.39 29.63
CA ASN B 188 31.34 -10.91 30.96
C ASN B 188 29.81 -11.09 31.08
N LYS B 189 29.07 -10.49 30.13
CA LYS B 189 27.61 -10.53 30.08
C LYS B 189 27.08 -10.66 28.65
N PHE B 190 26.03 -11.46 28.49
CA PHE B 190 25.34 -11.73 27.22
C PHE B 190 23.87 -11.34 27.37
N TYR B 191 23.30 -10.67 26.33
CA TYR B 191 21.91 -10.21 26.34
C TYR B 191 21.14 -10.65 25.09
N LEU B 192 19.87 -10.99 25.25
CA LEU B 192 18.97 -11.32 24.16
C LEU B 192 17.93 -10.21 24.11
N PRO B 193 17.34 -9.84 22.94
CA PRO B 193 16.32 -8.78 22.94
C PRO B 193 15.29 -8.97 24.08
N ASP B 194 14.81 -10.23 24.27
CA ASP B 194 13.88 -10.71 25.30
C ASP B 194 12.50 -9.99 25.28
N VAL B 195 11.71 -10.15 26.35
CA VAL B 195 10.41 -9.49 26.53
C VAL B 195 10.47 -8.79 27.90
N PRO B 196 9.84 -7.60 28.10
CA PRO B 196 9.93 -6.95 29.43
C PRO B 196 9.34 -7.83 30.55
N LEU B 197 10.04 -7.85 31.70
CA LEU B 197 9.59 -8.61 32.86
C LEU B 197 8.30 -8.01 33.46
N TYR B 198 8.15 -6.68 33.34
CA TYR B 198 6.98 -5.94 33.83
C TYR B 198 6.28 -5.23 32.69
N ARG B 199 4.95 -5.51 32.56
CA ARG B 199 4.06 -4.90 31.57
C ARG B 199 2.71 -4.64 32.22
N LYS B 200 2.17 -3.41 32.02
CA LYS B 200 0.90 -2.94 32.61
C LYS B 200 -0.28 -3.85 32.31
N GLN B 201 -1.10 -4.12 33.34
CA GLN B 201 -2.29 -4.96 33.22
C GLN B 201 -3.35 -4.27 32.36
N LYS B 202 -4.09 -5.07 31.58
CA LYS B 202 -5.12 -4.58 30.68
C LYS B 202 -6.47 -4.48 31.36
N PRO B 203 -7.33 -3.48 31.01
CA PRO B 203 -8.64 -3.37 31.68
C PRO B 203 -9.60 -4.53 31.32
N PRO B 204 -10.40 -5.01 32.29
CA PRO B 204 -11.32 -6.13 32.00
C PRO B 204 -12.37 -5.84 30.94
N LEU B 205 -12.82 -6.90 30.26
CA LEU B 205 -13.84 -6.80 29.20
C LEU B 205 -15.24 -6.86 29.82
N GLU B 206 -16.25 -6.31 29.11
CA GLU B 206 -17.67 -6.29 29.55
C GLU B 206 -18.14 -7.69 29.97
N GLU B 207 -17.78 -8.71 29.16
CA GLU B 207 -18.03 -10.13 29.40
C GLU B 207 -17.05 -11.01 28.62
N LYS B 208 -16.84 -12.24 29.12
CA LYS B 208 -15.92 -13.24 28.58
C LYS B 208 -16.18 -13.56 27.12
N VAL B 209 -15.14 -13.51 26.29
CA VAL B 209 -15.14 -13.84 24.87
C VAL B 209 -14.01 -14.83 24.63
N TYR B 210 -14.30 -15.88 23.83
CA TYR B 210 -13.34 -16.93 23.52
C TYR B 210 -12.87 -16.91 22.07
N ALA B 211 -11.63 -17.39 21.87
CA ALA B 211 -10.98 -17.54 20.57
C ALA B 211 -10.53 -19.00 20.44
N ILE B 212 -10.78 -19.61 19.27
CA ILE B 212 -10.40 -21.00 18.98
C ILE B 212 -9.17 -20.97 18.07
N LEU B 213 -8.12 -21.73 18.44
CA LEU B 213 -6.89 -21.79 17.64
C LEU B 213 -6.71 -23.13 16.97
N ILE B 214 -6.68 -23.13 15.64
CA ILE B 214 -6.46 -24.33 14.84
C ILE B 214 -5.37 -24.05 13.80
N SER B 215 -4.81 -25.10 13.21
CA SER B 215 -3.79 -25.04 12.16
C SER B 215 -3.63 -26.45 11.60
N ASP B 216 -2.81 -26.55 10.53
CA ASP B 216 -2.41 -27.76 9.85
C ASP B 216 -3.57 -28.72 9.64
N ILE B 217 -4.60 -28.23 8.94
CA ILE B 217 -5.81 -28.98 8.61
C ILE B 217 -5.43 -30.07 7.59
N HIS B 218 -4.60 -29.70 6.60
CA HIS B 218 -4.09 -30.58 5.54
C HIS B 218 -5.18 -31.27 4.73
N VAL B 219 -6.20 -30.50 4.29
CA VAL B 219 -7.28 -31.01 3.45
C VAL B 219 -6.67 -31.48 2.12
N GLY B 220 -6.97 -32.72 1.76
CA GLY B 220 -6.47 -33.37 0.55
C GLY B 220 -5.70 -34.63 0.88
N SER B 221 -5.18 -34.70 2.10
CA SER B 221 -4.41 -35.83 2.62
C SER B 221 -5.38 -36.92 3.09
N ARG B 222 -4.99 -38.21 2.93
CA ARG B 222 -5.74 -39.38 3.36
C ARG B 222 -5.72 -39.47 4.90
N GLU B 223 -4.71 -38.85 5.53
CA GLU B 223 -4.52 -38.82 6.98
C GLU B 223 -5.30 -37.70 7.64
N PHE B 224 -6.01 -36.88 6.84
CA PHE B 224 -6.82 -35.79 7.38
C PHE B 224 -7.97 -36.40 8.16
N CYS B 225 -8.05 -36.05 9.46
CA CYS B 225 -9.05 -36.53 10.38
C CYS B 225 -10.41 -35.86 10.09
N GLU B 226 -11.00 -36.29 8.97
CA GLU B 226 -12.26 -35.86 8.37
C GLU B 226 -13.43 -35.87 9.36
N LYS B 227 -13.66 -37.00 10.03
CA LYS B 227 -14.78 -37.12 10.95
C LYS B 227 -14.55 -36.32 12.26
N ALA B 228 -13.28 -36.22 12.72
CA ALA B 228 -12.91 -35.42 13.90
C ALA B 228 -13.14 -33.92 13.64
N PHE B 229 -12.82 -33.46 12.41
CA PHE B 229 -13.03 -32.07 12.00
C PHE B 229 -14.51 -31.75 11.85
N LEU B 230 -15.31 -32.71 11.33
CA LEU B 230 -16.77 -32.55 11.20
C LEU B 230 -17.42 -32.43 12.57
N LYS B 231 -16.93 -33.22 13.55
CA LYS B 231 -17.38 -33.18 14.95
C LYS B 231 -16.97 -31.86 15.62
N PHE B 232 -15.87 -31.23 15.16
CA PHE B 232 -15.40 -29.94 15.66
C PHE B 232 -16.30 -28.82 15.14
N LEU B 233 -16.75 -28.94 13.87
CA LEU B 233 -17.67 -28.00 13.22
C LEU B 233 -19.05 -28.09 13.90
N GLU B 234 -19.45 -29.30 14.33
CA GLU B 234 -20.70 -29.55 15.06
C GLU B 234 -20.59 -28.85 16.42
N TRP B 235 -19.44 -29.03 17.13
CA TRP B 235 -19.12 -28.40 18.42
C TRP B 235 -19.24 -26.88 18.33
N LEU B 236 -18.70 -26.28 17.24
CA LEU B 236 -18.73 -24.84 16.97
C LEU B 236 -20.16 -24.33 16.80
N ASN B 237 -21.06 -25.20 16.26
CA ASN B 237 -22.47 -24.90 15.99
C ASN B 237 -23.40 -25.22 17.19
N GLY B 238 -22.84 -25.30 18.39
CA GLY B 238 -23.59 -25.55 19.62
C GLY B 238 -23.97 -26.99 19.90
N HIS B 239 -23.43 -27.95 19.12
CA HIS B 239 -23.73 -29.37 19.32
C HIS B 239 -22.69 -29.96 20.30
N VAL B 240 -22.82 -29.56 21.57
CA VAL B 240 -21.96 -29.93 22.69
C VAL B 240 -22.69 -30.86 23.65
N GLU B 241 -21.96 -31.51 24.58
CA GLU B 241 -22.57 -32.45 25.51
C GLU B 241 -22.53 -32.02 26.98
N SER B 242 -21.87 -30.88 27.29
CA SER B 242 -21.80 -30.36 28.66
C SER B 242 -22.18 -28.88 28.72
N LYS B 243 -22.75 -28.43 29.87
CA LYS B 243 -23.15 -27.04 30.06
C LYS B 243 -21.99 -26.06 30.10
N GLU B 244 -20.80 -26.52 30.56
CA GLU B 244 -19.61 -25.68 30.60
C GLU B 244 -19.18 -25.34 29.18
N GLU B 245 -19.24 -26.33 28.28
CA GLU B 245 -18.92 -26.18 26.87
C GLU B 245 -19.95 -25.31 26.16
N GLU B 246 -21.23 -25.43 26.56
CA GLU B 246 -22.37 -24.63 26.08
C GLU B 246 -22.14 -23.14 26.35
N GLU B 247 -21.60 -22.81 27.54
CA GLU B 247 -21.28 -21.45 27.95
C GLU B 247 -20.13 -20.92 27.08
N ILE B 248 -19.16 -21.80 26.75
CA ILE B 248 -17.99 -21.46 25.93
C ILE B 248 -18.40 -21.17 24.47
N VAL B 249 -19.15 -22.10 23.84
CA VAL B 249 -19.63 -22.01 22.44
C VAL B 249 -20.45 -20.72 22.19
N SER B 250 -21.27 -20.31 23.19
CA SER B 250 -22.10 -19.09 23.12
C SER B 250 -21.21 -17.84 23.05
N ARG B 251 -20.00 -17.91 23.64
CA ARG B 251 -19.04 -16.81 23.75
C ARG B 251 -17.85 -16.89 22.76
N VAL B 252 -17.84 -17.92 21.85
CA VAL B 252 -16.78 -18.06 20.84
C VAL B 252 -17.12 -17.13 19.68
N LYS B 253 -16.22 -16.16 19.41
CA LYS B 253 -16.41 -15.18 18.35
C LYS B 253 -15.29 -15.19 17.32
N TYR B 254 -14.15 -15.86 17.63
CA TYR B 254 -12.98 -15.88 16.75
C TYR B 254 -12.37 -17.26 16.54
N LEU B 255 -11.93 -17.52 15.30
CA LEU B 255 -11.27 -18.77 14.89
C LEU B 255 -10.03 -18.38 14.09
N ILE B 256 -8.84 -18.76 14.61
CA ILE B 256 -7.57 -18.44 13.95
C ILE B 256 -6.93 -19.70 13.41
N ILE B 257 -6.62 -19.67 12.09
CA ILE B 257 -6.03 -20.79 11.36
C ILE B 257 -4.60 -20.41 10.91
N ALA B 258 -3.59 -20.99 11.59
CA ALA B 258 -2.16 -20.72 11.38
C ALA B 258 -1.43 -21.65 10.39
N GLY B 259 -1.91 -21.68 9.15
CA GLY B 259 -1.24 -22.38 8.06
C GLY B 259 -1.52 -23.84 7.84
N ASP B 260 -1.02 -24.31 6.67
CA ASP B 260 -1.19 -25.67 6.15
C ASP B 260 -2.66 -26.11 6.18
N VAL B 261 -3.50 -25.24 5.60
CA VAL B 261 -4.95 -25.41 5.52
C VAL B 261 -5.30 -26.50 4.50
N VAL B 262 -4.43 -26.68 3.48
CA VAL B 262 -4.53 -27.77 2.49
C VAL B 262 -3.20 -28.56 2.51
N ASP B 263 -3.19 -29.82 2.01
CA ASP B 263 -1.96 -30.61 1.99
C ASP B 263 -1.00 -30.17 0.86
N GLY B 264 -1.55 -29.55 -0.18
CA GLY B 264 -0.76 -29.08 -1.30
C GLY B 264 -0.45 -30.12 -2.34
N ILE B 265 0.41 -29.74 -3.30
CA ILE B 265 0.85 -30.55 -4.46
C ILE B 265 2.35 -30.38 -4.59
N GLY B 266 3.06 -31.50 -4.73
CA GLY B 266 4.51 -31.53 -4.92
C GLY B 266 5.33 -30.95 -3.78
N ILE B 267 4.83 -31.05 -2.54
CA ILE B 267 5.52 -30.54 -1.33
C ILE B 267 6.74 -31.40 -1.00
N TYR B 268 6.62 -32.72 -1.18
CA TYR B 268 7.71 -33.68 -0.96
C TYR B 268 7.60 -34.84 -1.95
N PRO B 269 8.71 -35.58 -2.27
CA PRO B 269 8.59 -36.71 -3.20
C PRO B 269 7.75 -37.83 -2.59
N GLY B 270 6.84 -38.37 -3.39
CA GLY B 270 5.95 -39.44 -2.94
C GLY B 270 4.66 -39.00 -2.28
N GLN B 271 4.40 -37.66 -2.26
CA GLN B 271 3.19 -37.08 -1.68
C GLN B 271 1.90 -37.61 -2.33
N TYR B 272 1.95 -37.92 -3.65
CA TYR B 272 0.81 -38.45 -4.40
C TYR B 272 0.21 -39.71 -3.76
N SER B 273 1.05 -40.56 -3.17
CA SER B 273 0.64 -41.80 -2.48
C SER B 273 -0.24 -41.54 -1.25
N ASP B 274 -0.23 -40.30 -0.72
CA ASP B 274 -1.00 -39.92 0.45
C ASP B 274 -2.23 -39.04 0.11
N LEU B 275 -2.30 -38.52 -1.12
CA LEU B 275 -3.38 -37.63 -1.51
C LEU B 275 -4.66 -38.31 -2.00
N VAL B 276 -5.76 -37.95 -1.33
CA VAL B 276 -7.13 -38.35 -1.64
C VAL B 276 -7.61 -37.36 -2.70
N ILE B 277 -7.34 -36.04 -2.50
CA ILE B 277 -7.66 -34.96 -3.43
C ILE B 277 -6.33 -34.53 -4.07
N PRO B 278 -5.97 -35.06 -5.26
CA PRO B 278 -4.68 -34.70 -5.87
C PRO B 278 -4.74 -33.50 -6.80
N ASP B 279 -5.54 -32.48 -6.44
CA ASP B 279 -5.73 -31.25 -7.21
C ASP B 279 -5.79 -30.07 -6.23
N ILE B 280 -4.95 -29.03 -6.43
CA ILE B 280 -4.85 -27.86 -5.55
C ILE B 280 -6.17 -27.03 -5.51
N PHE B 281 -6.86 -26.88 -6.66
CA PHE B 281 -8.12 -26.13 -6.75
C PHE B 281 -9.20 -26.84 -5.95
N ASP B 282 -9.26 -28.18 -6.09
CA ASP B 282 -10.23 -29.04 -5.41
C ASP B 282 -9.97 -29.14 -3.92
N GLN B 283 -8.72 -28.92 -3.49
CA GLN B 283 -8.31 -28.93 -2.09
C GLN B 283 -8.87 -27.70 -1.38
N TYR B 284 -8.75 -26.51 -2.00
CA TYR B 284 -9.30 -25.25 -1.47
C TYR B 284 -10.81 -25.21 -1.53
N GLU B 285 -11.41 -25.86 -2.55
CA GLU B 285 -12.86 -25.95 -2.71
C GLU B 285 -13.44 -26.85 -1.62
N ALA B 286 -12.77 -27.98 -1.31
CA ALA B 286 -13.17 -28.93 -0.25
C ALA B 286 -13.07 -28.26 1.12
N LEU B 287 -11.98 -27.50 1.35
CA LEU B 287 -11.73 -26.77 2.58
C LEU B 287 -12.80 -25.70 2.80
N ALA B 288 -13.08 -24.86 1.78
CA ALA B 288 -14.11 -23.81 1.83
C ALA B 288 -15.50 -24.37 2.10
N ASN B 289 -15.82 -25.57 1.58
CA ASN B 289 -17.11 -26.23 1.79
C ASN B 289 -17.29 -26.63 3.25
N LEU B 290 -16.18 -26.98 3.92
CA LEU B 290 -16.16 -27.32 5.33
C LEU B 290 -16.27 -26.05 6.17
N LEU B 291 -15.41 -25.05 5.87
CA LEU B 291 -15.35 -23.76 6.57
C LEU B 291 -16.60 -22.89 6.37
N ALA B 292 -17.45 -23.22 5.37
CA ALA B 292 -18.72 -22.55 5.12
C ALA B 292 -19.72 -22.90 6.24
N ASN B 293 -19.46 -24.02 6.93
CA ASN B 293 -20.26 -24.50 8.05
C ASN B 293 -19.83 -23.93 9.42
N VAL B 294 -18.95 -22.91 9.40
CA VAL B 294 -18.51 -22.20 10.62
C VAL B 294 -19.57 -21.13 10.87
N PRO B 295 -20.15 -21.04 12.10
CA PRO B 295 -21.18 -20.02 12.37
C PRO B 295 -20.82 -18.60 11.93
N GLU B 296 -21.82 -17.85 11.43
CA GLU B 296 -21.70 -16.47 10.93
C GLU B 296 -21.21 -15.49 11.99
N HIS B 297 -21.56 -15.76 13.27
CA HIS B 297 -21.12 -14.93 14.41
C HIS B 297 -19.64 -15.15 14.79
N ILE B 298 -18.93 -16.06 14.09
CA ILE B 298 -17.51 -16.35 14.29
C ILE B 298 -16.73 -15.72 13.13
N THR B 299 -15.71 -14.89 13.46
CA THR B 299 -14.81 -14.29 12.48
C THR B 299 -13.60 -15.20 12.37
N MET B 300 -13.32 -15.69 11.15
CA MET B 300 -12.21 -16.57 10.84
C MET B 300 -11.04 -15.77 10.29
N PHE B 301 -9.83 -16.03 10.82
CA PHE B 301 -8.59 -15.40 10.37
C PHE B 301 -7.74 -16.53 9.80
N ILE B 302 -7.56 -16.56 8.47
CA ILE B 302 -6.85 -17.64 7.79
C ILE B 302 -5.52 -17.19 7.20
N GLY B 303 -4.45 -17.81 7.70
CA GLY B 303 -3.08 -17.57 7.25
C GLY B 303 -2.49 -18.74 6.50
N PRO B 304 -1.50 -18.49 5.59
CA PRO B 304 -0.86 -19.61 4.88
C PRO B 304 0.26 -20.31 5.66
N GLY B 305 0.62 -21.50 5.18
CA GLY B 305 1.71 -22.33 5.66
C GLY B 305 2.59 -22.74 4.49
N ASN B 306 3.54 -23.68 4.70
CA ASN B 306 4.45 -24.09 3.63
C ASN B 306 3.83 -25.08 2.60
N ALA B 307 2.68 -25.72 2.93
CA ALA B 307 1.98 -26.67 2.05
C ALA B 307 1.01 -25.93 1.14
N ASP B 308 0.63 -24.72 1.55
CA ASP B 308 -0.34 -23.86 0.89
C ASP B 308 0.12 -23.29 -0.44
N ALA B 309 -0.87 -22.86 -1.27
CA ALA B 309 -0.66 -22.17 -2.54
C ALA B 309 -0.41 -20.72 -2.12
N ALA B 310 0.86 -20.44 -1.83
CA ALA B 310 1.39 -19.18 -1.32
C ALA B 310 2.86 -19.11 -1.67
N ARG B 311 3.46 -17.93 -1.43
CA ARG B 311 4.87 -17.65 -1.70
C ARG B 311 5.79 -18.76 -1.16
N PRO B 312 6.74 -19.30 -1.96
CA PRO B 312 7.62 -20.39 -1.46
C PRO B 312 8.78 -19.93 -0.56
N ALA B 313 8.57 -18.84 0.20
CA ALA B 313 9.55 -18.25 1.11
C ALA B 313 8.82 -17.43 2.17
N ILE B 314 9.44 -17.24 3.32
CA ILE B 314 8.81 -16.45 4.37
C ILE B 314 9.43 -15.06 4.47
N PRO B 315 8.61 -13.99 4.67
CA PRO B 315 7.15 -13.97 4.92
C PRO B 315 6.28 -14.22 3.69
N GLN B 316 5.07 -14.76 3.92
CA GLN B 316 4.06 -15.03 2.89
C GLN B 316 2.98 -13.95 3.01
N PRO B 317 2.84 -13.05 2.01
CA PRO B 317 1.85 -11.93 2.12
C PRO B 317 0.39 -12.34 2.27
N GLU B 318 0.02 -13.49 1.67
CA GLU B 318 -1.31 -14.08 1.66
C GLU B 318 -1.24 -15.43 0.89
N PHE B 319 -2.39 -15.90 0.39
CA PHE B 319 -2.51 -17.07 -0.46
C PHE B 319 -2.52 -16.60 -1.91
N TYR B 320 -2.17 -17.49 -2.85
CA TYR B 320 -2.25 -17.23 -4.28
C TYR B 320 -3.76 -17.32 -4.61
N LYS B 321 -4.39 -16.16 -4.86
CA LYS B 321 -5.83 -16.02 -5.14
C LYS B 321 -6.36 -16.90 -6.29
N GLU B 322 -5.51 -17.24 -7.28
CA GLU B 322 -5.90 -18.09 -8.41
C GLU B 322 -6.29 -19.52 -7.95
N TYR B 323 -5.58 -20.05 -6.93
CA TYR B 323 -5.78 -21.39 -6.41
C TYR B 323 -6.63 -21.42 -5.16
N ALA B 324 -6.44 -20.41 -4.27
CA ALA B 324 -7.12 -20.32 -2.98
C ALA B 324 -8.43 -19.49 -2.97
N LYS B 325 -8.92 -19.04 -4.13
CA LYS B 325 -10.16 -18.24 -4.28
C LYS B 325 -11.37 -18.73 -3.43
N PRO B 326 -11.72 -20.05 -3.32
CA PRO B 326 -12.90 -20.43 -2.52
C PRO B 326 -12.90 -19.98 -1.06
N ILE B 327 -11.73 -19.86 -0.41
CA ILE B 327 -11.67 -19.42 0.99
C ILE B 327 -11.77 -17.89 1.08
N TYR B 328 -11.32 -17.16 0.05
CA TYR B 328 -11.42 -15.70 -0.05
C TYR B 328 -12.89 -15.25 -0.15
N LYS B 329 -13.78 -16.14 -0.65
CA LYS B 329 -15.20 -15.87 -0.85
C LYS B 329 -16.11 -16.26 0.36
N LEU B 330 -15.53 -16.73 1.47
CA LEU B 330 -16.29 -17.05 2.67
C LEU B 330 -16.68 -15.73 3.36
N LYS B 331 -18.00 -15.55 3.62
CA LYS B 331 -18.55 -14.32 4.20
C LYS B 331 -17.90 -13.87 5.53
N ASN B 332 -17.57 -14.83 6.41
CA ASN B 332 -16.98 -14.54 7.72
C ASN B 332 -15.48 -14.81 7.82
N ALA B 333 -14.75 -14.81 6.69
CA ALA B 333 -13.31 -15.06 6.68
C ALA B 333 -12.48 -13.85 6.29
N ILE B 334 -11.33 -13.69 6.97
CA ILE B 334 -10.35 -12.63 6.74
C ILE B 334 -9.02 -13.33 6.49
N ILE B 335 -8.49 -13.18 5.26
CA ILE B 335 -7.20 -13.76 4.89
C ILE B 335 -6.12 -12.88 5.49
N ILE B 336 -5.29 -13.48 6.34
CA ILE B 336 -4.16 -12.82 7.00
C ILE B 336 -2.84 -13.34 6.40
N SER B 337 -1.76 -12.59 6.58
CA SER B 337 -0.41 -12.95 6.10
C SER B 337 0.27 -13.90 7.08
N ASN B 338 1.45 -14.43 6.68
CA ASN B 338 2.30 -15.27 7.53
C ASN B 338 3.68 -14.59 7.62
N PRO B 339 4.00 -13.90 8.74
CA PRO B 339 3.22 -13.74 9.98
C PRO B 339 2.19 -12.60 9.97
N ALA B 340 1.32 -12.58 10.99
CA ALA B 340 0.33 -11.52 11.18
C ALA B 340 0.11 -11.27 12.68
N VAL B 341 -0.41 -10.06 13.03
CA VAL B 341 -0.76 -9.72 14.41
C VAL B 341 -2.23 -9.30 14.43
N ILE B 342 -3.04 -10.05 15.16
CA ILE B 342 -4.45 -9.77 15.30
C ILE B 342 -4.73 -9.24 16.71
N ARG B 343 -5.26 -8.02 16.79
CA ARG B 343 -5.65 -7.40 18.05
C ARG B 343 -7.13 -7.71 18.27
N LEU B 344 -7.42 -8.55 19.28
CA LEU B 344 -8.77 -8.94 19.65
C LEU B 344 -9.06 -8.36 21.02
N HIS B 345 -10.01 -7.41 21.09
CA HIS B 345 -10.43 -6.73 22.32
C HIS B 345 -9.24 -6.14 23.10
N GLY B 346 -8.30 -5.55 22.37
CA GLY B 346 -7.10 -4.94 22.93
C GLY B 346 -5.93 -5.87 23.21
N ARG B 347 -6.08 -7.18 22.88
CA ARG B 347 -5.05 -8.19 23.11
C ARG B 347 -4.39 -8.60 21.81
N ASP B 348 -3.05 -8.51 21.75
CA ASP B 348 -2.26 -8.83 20.56
C ASP B 348 -1.94 -10.32 20.41
N PHE B 349 -2.41 -10.92 19.32
CA PHE B 349 -2.22 -12.31 18.98
C PHE B 349 -1.32 -12.40 17.75
N LEU B 350 -0.05 -12.77 17.96
CA LEU B 350 0.93 -12.92 16.89
C LEU B 350 0.79 -14.33 16.31
N ILE B 351 0.40 -14.41 15.02
CA ILE B 351 0.15 -15.67 14.30
C ILE B 351 1.23 -15.88 13.26
N ALA B 352 1.94 -17.02 13.37
CA ALA B 352 3.00 -17.44 12.45
C ALA B 352 2.82 -18.94 12.20
N HIS B 353 3.27 -19.46 11.06
CA HIS B 353 3.13 -20.86 10.78
C HIS B 353 4.01 -21.75 11.68
N GLY B 354 5.25 -21.34 11.97
CA GLY B 354 6.11 -22.09 12.87
C GLY B 354 7.37 -22.71 12.30
N ARG B 355 7.83 -22.19 11.15
CA ARG B 355 9.05 -22.67 10.47
C ARG B 355 10.31 -22.54 11.35
N GLY B 356 10.34 -21.53 12.20
CA GLY B 356 11.42 -21.27 13.15
C GLY B 356 11.60 -22.29 14.26
N ILE B 357 10.54 -23.07 14.60
CA ILE B 357 10.62 -24.12 15.62
C ILE B 357 11.63 -25.18 15.16
N GLU B 358 11.65 -25.49 13.85
CA GLU B 358 12.57 -26.44 13.25
C GLU B 358 14.03 -25.99 13.42
N ASP B 359 14.30 -24.67 13.21
CA ASP B 359 15.63 -24.04 13.35
C ASP B 359 16.17 -24.24 14.76
N VAL B 360 15.31 -24.06 15.77
CA VAL B 360 15.65 -24.20 17.18
C VAL B 360 15.99 -25.65 17.53
N VAL B 361 15.14 -26.63 17.11
CA VAL B 361 15.34 -28.05 17.43
C VAL B 361 16.62 -28.60 16.78
N SER B 362 17.01 -28.10 15.57
CA SER B 362 18.23 -28.55 14.90
C SER B 362 19.49 -27.99 15.56
N PHE B 363 19.51 -26.67 15.82
CA PHE B 363 20.67 -25.97 16.38
C PHE B 363 20.84 -26.14 17.89
N VAL B 364 19.74 -26.27 18.66
CA VAL B 364 19.83 -26.38 20.13
C VAL B 364 19.63 -27.83 20.62
N PRO B 365 20.72 -28.48 21.12
CA PRO B 365 20.57 -29.84 21.68
C PRO B 365 19.88 -29.76 23.05
N GLY B 366 18.80 -30.55 23.21
CA GLY B 366 17.98 -30.58 24.42
C GLY B 366 16.84 -29.59 24.39
N LYS B 371 7.99 -31.54 22.36
CA LYS B 371 7.26 -30.40 22.92
C LYS B 371 7.74 -29.04 22.36
N PRO B 372 6.95 -28.41 21.46
CA PRO B 372 7.38 -27.15 20.80
C PRO B 372 7.33 -25.86 21.63
N GLY B 373 6.81 -25.93 22.84
CA GLY B 373 6.68 -24.77 23.74
C GLY B 373 8.00 -24.09 24.07
N LEU B 374 9.02 -24.87 24.44
CA LEU B 374 10.36 -24.37 24.77
C LEU B 374 11.07 -23.78 23.53
N PRO B 375 11.11 -24.47 22.35
CA PRO B 375 11.65 -23.82 21.14
C PRO B 375 10.97 -22.49 20.79
N MET B 376 9.65 -22.37 21.02
CA MET B 376 8.87 -21.15 20.78
C MET B 376 9.31 -20.01 21.73
N VAL B 377 9.67 -20.34 22.98
CA VAL B 377 10.16 -19.39 24.00
C VAL B 377 11.50 -18.77 23.51
N GLU B 378 12.38 -19.58 22.92
CA GLU B 378 13.65 -19.14 22.36
C GLU B 378 13.50 -18.13 21.24
N LEU B 379 12.49 -18.31 20.37
CA LEU B 379 12.19 -17.40 19.27
C LEU B 379 11.66 -16.07 19.82
N LEU B 380 10.88 -16.12 20.91
CA LEU B 380 10.31 -14.96 21.57
C LEU B 380 11.44 -14.14 22.21
N LYS B 381 12.42 -14.83 22.83
CA LYS B 381 13.60 -14.25 23.49
C LYS B 381 14.55 -13.59 22.49
N MET B 382 14.65 -14.18 21.29
CA MET B 382 15.46 -13.66 20.20
C MET B 382 14.71 -12.54 19.47
N ARG B 383 13.38 -12.48 19.66
CA ARG B 383 12.45 -11.52 19.03
C ARG B 383 12.52 -11.61 17.49
N HIS B 384 12.63 -12.85 17.01
CA HIS B 384 12.70 -13.21 15.61
C HIS B 384 12.08 -14.58 15.44
N LEU B 385 11.19 -14.71 14.44
CA LEU B 385 10.43 -15.93 14.14
C LEU B 385 11.23 -17.03 13.46
N ALA B 386 12.25 -16.67 12.67
CA ALA B 386 13.13 -17.62 11.96
C ALA B 386 14.46 -16.95 11.65
N PRO B 387 15.39 -16.85 12.65
CA PRO B 387 16.66 -16.13 12.40
C PRO B 387 17.67 -16.86 11.52
N THR B 388 17.74 -18.18 11.66
CA THR B 388 18.66 -19.09 10.97
C THR B 388 18.47 -19.00 9.47
N PHE B 389 19.59 -18.68 8.86
CA PHE B 389 19.77 -18.47 7.46
C PHE B 389 20.46 -19.68 6.82
N GLY B 390 19.99 -20.05 5.64
CA GLY B 390 20.51 -21.17 4.89
C GLY B 390 20.04 -22.54 5.34
N GLY B 391 19.04 -22.59 6.22
CA GLY B 391 18.47 -23.85 6.69
C GLY B 391 17.48 -24.39 5.67
N LYS B 392 16.59 -25.28 6.12
CA LYS B 392 15.54 -25.85 5.25
C LYS B 392 14.41 -24.81 5.06
N VAL B 393 14.36 -23.81 5.95
CA VAL B 393 13.40 -22.72 5.93
C VAL B 393 13.81 -21.68 4.87
N PRO B 394 12.99 -21.40 3.81
CA PRO B 394 13.42 -20.40 2.84
C PRO B 394 13.07 -18.98 3.30
N ILE B 395 14.09 -18.20 3.64
CA ILE B 395 13.91 -16.81 4.05
C ILE B 395 14.14 -15.92 2.84
N ALA B 396 13.12 -15.12 2.50
CA ALA B 396 13.11 -14.22 1.36
C ALA B 396 14.10 -13.07 1.55
N PRO B 397 14.93 -12.74 0.51
CA PRO B 397 15.86 -11.60 0.64
C PRO B 397 15.14 -10.27 0.40
N ASP B 398 14.16 -9.97 1.25
CA ASP B 398 13.30 -8.80 1.21
C ASP B 398 14.00 -7.51 1.72
N PRO B 399 13.50 -6.29 1.39
CA PRO B 399 14.19 -5.06 1.83
C PRO B 399 14.16 -4.82 3.33
N GLU B 400 13.05 -5.20 3.97
CA GLU B 400 12.80 -5.06 5.40
C GLU B 400 12.60 -6.45 6.00
N ASP B 401 13.07 -6.67 7.23
CA ASP B 401 12.89 -7.94 7.90
C ASP B 401 11.58 -7.89 8.67
N LEU B 402 10.56 -8.53 8.11
CA LEU B 402 9.21 -8.58 8.68
C LEU B 402 9.01 -9.79 9.60
N LEU B 403 10.10 -10.54 9.88
CA LEU B 403 10.11 -11.70 10.78
C LEU B 403 10.58 -11.34 12.20
N VAL B 404 10.98 -10.08 12.40
CA VAL B 404 11.37 -9.51 13.69
C VAL B 404 10.07 -9.27 14.46
N ILE B 405 9.97 -9.78 15.72
CA ILE B 405 8.81 -9.55 16.60
C ILE B 405 9.01 -8.14 17.15
N GLU B 406 8.60 -7.11 16.37
CA GLU B 406 8.79 -5.68 16.67
C GLU B 406 8.13 -5.26 17.98
N GLU B 407 6.90 -5.74 18.21
CA GLU B 407 6.17 -5.43 19.41
C GLU B 407 5.87 -6.66 20.21
N VAL B 408 5.72 -6.49 21.53
CA VAL B 408 5.49 -7.60 22.46
C VAL B 408 4.05 -8.11 22.37
N PRO B 409 3.84 -9.39 21.98
CA PRO B 409 2.47 -9.90 21.92
C PRO B 409 1.98 -10.41 23.29
N ASP B 410 0.67 -10.64 23.39
CA ASP B 410 0.04 -11.22 24.56
C ASP B 410 -0.01 -12.75 24.40
N LEU B 411 -0.14 -13.19 23.13
CA LEU B 411 -0.19 -14.58 22.72
C LEU B 411 0.56 -14.77 21.40
N VAL B 412 1.30 -15.89 21.29
CA VAL B 412 1.99 -16.32 20.08
C VAL B 412 1.39 -17.67 19.68
N GLN B 413 0.78 -17.74 18.49
CA GLN B 413 0.23 -18.99 17.97
C GLN B 413 1.06 -19.45 16.79
N MET B 414 1.47 -20.73 16.84
CA MET B 414 2.23 -21.38 15.77
C MET B 414 1.65 -22.74 15.49
N GLY B 415 1.86 -23.23 14.28
CA GLY B 415 1.46 -24.56 13.86
C GLY B 415 2.72 -25.28 13.42
N HIS B 416 2.68 -25.82 12.20
CA HIS B 416 3.79 -26.49 11.48
C HIS B 416 4.29 -27.81 12.09
N VAL B 417 4.66 -27.87 13.39
CA VAL B 417 5.23 -29.09 13.98
C VAL B 417 4.21 -30.21 14.28
N HIS B 418 2.90 -29.93 14.25
CA HIS B 418 1.82 -30.90 14.43
C HIS B 418 1.69 -31.48 15.85
N VAL B 419 2.34 -30.83 16.84
CA VAL B 419 2.28 -31.25 18.25
C VAL B 419 1.74 -30.10 19.08
N TYR B 420 0.73 -30.38 19.90
CA TYR B 420 0.17 -29.39 20.81
C TYR B 420 1.13 -29.14 21.98
N ASP B 421 1.16 -27.88 22.44
CA ASP B 421 1.89 -27.42 23.61
C ASP B 421 1.44 -26.00 23.93
N ALA B 422 1.61 -25.60 25.19
CA ALA B 422 1.25 -24.28 25.71
C ALA B 422 2.11 -24.02 26.92
N VAL B 423 2.78 -22.87 26.92
CA VAL B 423 3.69 -22.43 27.96
C VAL B 423 3.65 -20.89 28.07
N VAL B 424 3.71 -20.37 29.29
CA VAL B 424 3.72 -18.92 29.55
C VAL B 424 5.14 -18.46 29.89
N TYR B 425 5.65 -17.44 29.15
CA TYR B 425 6.95 -16.85 29.39
C TYR B 425 6.77 -15.34 29.54
N ARG B 426 7.00 -14.82 30.76
CA ARG B 426 6.89 -13.40 31.12
C ARG B 426 5.53 -12.77 30.70
N GLY B 427 4.44 -13.47 31.03
CA GLY B 427 3.08 -13.03 30.73
C GLY B 427 2.59 -13.29 29.31
N VAL B 428 3.48 -13.81 28.44
CA VAL B 428 3.19 -14.13 27.03
C VAL B 428 2.85 -15.61 26.94
N GLN B 429 1.69 -15.92 26.34
CA GLN B 429 1.23 -17.29 26.10
C GLN B 429 1.77 -17.79 24.76
N LEU B 430 2.62 -18.82 24.81
CA LEU B 430 3.17 -19.49 23.64
C LEU B 430 2.29 -20.73 23.47
N VAL B 431 1.72 -20.94 22.28
CA VAL B 431 0.82 -22.07 22.05
C VAL B 431 0.94 -22.63 20.61
N ASN B 432 1.05 -23.96 20.50
CA ASN B 432 1.07 -24.65 19.22
C ASN B 432 -0.29 -25.34 19.05
N SER B 433 -1.06 -24.90 18.02
CA SER B 433 -2.43 -25.35 17.71
C SER B 433 -2.53 -26.75 17.06
N ALA B 434 -1.43 -27.52 17.07
CA ALA B 434 -1.31 -28.90 16.57
C ALA B 434 -1.69 -29.09 15.09
N THR B 435 -2.55 -30.09 14.79
CA THR B 435 -2.94 -30.49 13.44
C THR B 435 -4.26 -31.28 13.40
N TRP B 436 -4.81 -31.44 12.18
CA TRP B 436 -6.00 -32.26 11.92
C TRP B 436 -5.57 -33.43 11.03
N GLN B 437 -4.25 -33.66 10.95
CA GLN B 437 -3.65 -34.71 10.14
C GLN B 437 -2.96 -35.76 11.00
N ALA B 438 -3.34 -37.05 10.84
CA ALA B 438 -2.75 -38.19 11.54
C ALA B 438 -1.36 -38.49 10.92
N GLN B 439 -0.54 -39.31 11.61
CA GLN B 439 0.80 -39.65 11.14
C GLN B 439 0.83 -40.25 9.74
N THR B 440 1.47 -39.53 8.81
CA THR B 440 1.67 -39.90 7.40
C THR B 440 2.89 -40.83 7.38
N GLU B 441 3.07 -41.51 6.23
CA GLU B 441 4.19 -42.38 5.94
C GLU B 441 5.48 -41.58 6.11
N PHE B 442 5.55 -40.39 5.46
CA PHE B 442 6.70 -39.48 5.51
C PHE B 442 7.05 -39.00 6.92
N GLN B 443 6.02 -38.67 7.73
CA GLN B 443 6.18 -38.24 9.12
C GLN B 443 6.82 -39.35 9.96
N LYS B 444 6.38 -40.61 9.77
CA LYS B 444 6.91 -41.82 10.43
C LYS B 444 8.43 -41.91 10.17
N MET B 445 8.84 -41.69 8.90
CA MET B 445 10.22 -41.75 8.41
C MET B 445 11.12 -40.67 8.99
N VAL B 446 10.61 -39.44 9.15
CA VAL B 446 11.36 -38.29 9.68
C VAL B 446 11.13 -38.12 11.19
N ASN B 447 10.51 -39.14 11.81
CA ASN B 447 10.23 -39.28 13.23
C ASN B 447 9.37 -38.15 13.83
N ILE B 448 8.31 -37.73 13.09
CA ILE B 448 7.34 -36.74 13.55
C ILE B 448 6.11 -37.50 14.07
N VAL B 449 5.82 -37.35 15.37
CA VAL B 449 4.71 -38.01 16.05
C VAL B 449 3.65 -36.95 16.37
N PRO B 450 2.59 -36.82 15.54
CA PRO B 450 1.62 -35.75 15.78
C PRO B 450 0.64 -36.00 16.92
N THR B 451 -0.02 -34.93 17.38
CA THR B 451 -1.08 -34.97 18.38
C THR B 451 -2.32 -34.38 17.68
N PRO B 452 -2.97 -35.16 16.77
CA PRO B 452 -4.11 -34.62 16.03
C PRO B 452 -5.36 -34.35 16.86
N ALA B 453 -6.17 -33.40 16.38
CA ALA B 453 -7.47 -33.00 16.92
C ALA B 453 -7.45 -32.48 18.37
N LYS B 454 -6.37 -31.75 18.75
CA LYS B 454 -6.24 -31.09 20.06
C LYS B 454 -6.37 -29.59 19.82
N VAL B 455 -7.50 -29.02 20.24
CA VAL B 455 -7.89 -27.62 19.99
C VAL B 455 -7.75 -26.69 21.23
N PRO B 456 -6.79 -25.73 21.21
CA PRO B 456 -6.70 -24.77 22.33
C PRO B 456 -7.86 -23.76 22.33
N VAL B 457 -8.50 -23.58 23.50
CA VAL B 457 -9.58 -22.63 23.74
C VAL B 457 -8.93 -21.47 24.51
N VAL B 458 -8.95 -20.27 23.91
CA VAL B 458 -8.32 -19.08 24.47
C VAL B 458 -9.32 -18.07 25.02
N ASP B 459 -9.13 -17.65 26.29
CA ASP B 459 -9.89 -16.59 26.92
C ASP B 459 -9.18 -15.30 26.49
N VAL B 460 -9.82 -14.52 25.61
CA VAL B 460 -9.29 -13.27 25.04
C VAL B 460 -8.83 -12.28 26.12
N GLU B 461 -9.61 -12.12 27.22
CA GLU B 461 -9.33 -11.22 28.34
C GLU B 461 -7.94 -11.42 28.95
N SER B 462 -7.58 -12.67 29.29
CA SER B 462 -6.28 -12.97 29.88
C SER B 462 -5.24 -13.38 28.83
N ALA B 463 -5.72 -13.64 27.57
CA ALA B 463 -4.93 -14.11 26.41
C ALA B 463 -4.23 -15.42 26.82
N ARG B 464 -5.02 -16.34 27.42
CA ARG B 464 -4.54 -17.63 27.93
C ARG B 464 -5.36 -18.80 27.42
N VAL B 465 -4.69 -19.95 27.24
CA VAL B 465 -5.31 -21.22 26.89
C VAL B 465 -5.95 -21.68 28.21
N VAL B 466 -7.29 -21.81 28.22
CA VAL B 466 -8.07 -22.17 29.42
C VAL B 466 -8.59 -23.62 29.38
N LYS B 467 -8.74 -24.16 28.18
CA LYS B 467 -9.23 -25.51 27.90
C LYS B 467 -8.61 -26.01 26.60
N VAL B 468 -8.49 -27.33 26.47
CA VAL B 468 -8.01 -28.02 25.28
C VAL B 468 -9.09 -29.00 24.89
N LEU B 469 -9.70 -28.81 23.72
CA LEU B 469 -10.74 -29.70 23.20
C LEU B 469 -10.05 -30.89 22.55
N ASP B 470 -10.42 -32.12 22.96
CA ASP B 470 -9.83 -33.33 22.41
C ASP B 470 -10.83 -34.10 21.54
N PHE B 471 -10.63 -34.02 20.21
CA PHE B 471 -11.46 -34.72 19.24
C PHE B 471 -10.72 -35.95 18.66
N SER B 472 -9.57 -36.35 19.26
CA SER B 472 -8.72 -37.44 18.78
C SER B 472 -9.37 -38.84 18.85
N GLY B 473 -10.47 -38.96 19.57
CA GLY B 473 -11.21 -40.21 19.66
C GLY B 473 -11.94 -40.53 18.36
N TRP B 474 -12.30 -39.49 17.58
CA TRP B 474 -13.04 -39.59 16.33
C TRP B 474 -12.16 -39.85 15.09
N CYS B 475 -11.04 -40.55 15.28
CA CYS B 475 -10.11 -40.96 14.21
C CYS B 475 -9.27 -42.20 14.61
FE FE C . -9.45 7.37 -14.30
ZN ZN D . -9.84 10.01 -16.52
C ACT E . -8.51 18.55 -17.29
O ACT E . -7.28 18.27 -17.21
OXT ACT E . -9.44 17.72 -17.48
CH3 ACT E . -8.89 20.05 -17.12
AS CAC F . -9.78 6.72 -17.48
O1 CAC F . -10.86 7.56 -18.42
O2 CAC F . -9.21 7.29 -16.03
C1 CAC F . -10.45 4.88 -17.24
C2 CAC F . -8.19 6.27 -18.58
FE FE G . 1.54 -28.98 8.59
ZN ZN H . 4.00 -26.66 7.84
CA CA I . 7.95 -1.40 9.92
C ACT J . 6.65 -18.65 9.80
O ACT J . 7.00 -19.17 10.87
OXT ACT J . 6.16 -19.29 8.81
CH3 ACT J . 6.83 -17.11 9.68
AS CAC K . 4.41 -30.12 7.00
O1 CAC K . 4.99 -29.63 5.54
O2 CAC K . 3.51 -29.16 8.00
C1 CAC K . 3.47 -31.85 6.74
C2 CAC K . 5.90 -30.81 8.10
#